data_1Z5T
# 
_entry.id   1Z5T 
# 
_audit_conform.dict_name       mmcif_pdbx.dic 
_audit_conform.dict_version    5.389 
_audit_conform.dict_location   http://mmcif.pdb.org/dictionaries/ascii/mmcif_pdbx.dic 
# 
loop_
_database_2.database_id 
_database_2.database_code 
_database_2.pdbx_database_accession 
_database_2.pdbx_DOI 
PDB   1Z5T         pdb_00001z5t 10.2210/pdb1z5t/pdb 
NDB   BD0075       ?            ?                   
RCSB  RCSB032334   ?            ?                   
WWPDB D_1000032334 ?            ?                   
# 
loop_
_pdbx_audit_revision_history.ordinal 
_pdbx_audit_revision_history.data_content_type 
_pdbx_audit_revision_history.major_revision 
_pdbx_audit_revision_history.minor_revision 
_pdbx_audit_revision_history.revision_date 
1 'Structure model' 1 0 2005-07-26 
2 'Structure model' 1 1 2008-04-30 
3 'Structure model' 1 2 2011-07-13 
4 'Structure model' 1 3 2017-10-11 
5 'Structure model' 1 4 2024-02-14 
6 'Structure model' 1 5 2024-04-03 
# 
_pdbx_audit_revision_details.ordinal             1 
_pdbx_audit_revision_details.revision_ordinal    1 
_pdbx_audit_revision_details.data_content_type   'Structure model' 
_pdbx_audit_revision_details.provider            repository 
_pdbx_audit_revision_details.type                'Initial release' 
_pdbx_audit_revision_details.description         ? 
_pdbx_audit_revision_details.details             ? 
# 
loop_
_pdbx_audit_revision_group.ordinal 
_pdbx_audit_revision_group.revision_ordinal 
_pdbx_audit_revision_group.data_content_type 
_pdbx_audit_revision_group.group 
1 2 'Structure model' 'Version format compliance' 
2 3 'Structure model' 'Version format compliance' 
3 4 'Structure model' Advisory                    
4 4 'Structure model' 'Refinement description'    
5 5 'Structure model' Advisory                    
6 5 'Structure model' 'Data collection'           
7 5 'Structure model' 'Database references'       
8 5 'Structure model' 'Derived calculations'      
9 6 'Structure model' 'Refinement description'    
# 
loop_
_pdbx_audit_revision_category.ordinal 
_pdbx_audit_revision_category.revision_ordinal 
_pdbx_audit_revision_category.data_content_type 
_pdbx_audit_revision_category.category 
1  4 'Structure model' pdbx_unobs_or_zero_occ_atoms  
2  4 'Structure model' software                      
3  5 'Structure model' chem_comp_atom                
4  5 'Structure model' chem_comp_bond                
5  5 'Structure model' database_2                    
6  5 'Structure model' pdbx_struct_conn_angle        
7  5 'Structure model' pdbx_unobs_or_zero_occ_atoms  
8  5 'Structure model' struct_conn                   
9  5 'Structure model' struct_site                   
10 6 'Structure model' pdbx_initial_refinement_model 
# 
loop_
_pdbx_audit_revision_item.ordinal 
_pdbx_audit_revision_item.revision_ordinal 
_pdbx_audit_revision_item.data_content_type 
_pdbx_audit_revision_item.item 
1  4 'Structure model' '_software.classification'                    
2  4 'Structure model' '_software.contact_author'                    
3  4 'Structure model' '_software.contact_author_email'              
4  4 'Structure model' '_software.language'                          
5  4 'Structure model' '_software.location'                          
6  4 'Structure model' '_software.name'                              
7  4 'Structure model' '_software.type'                              
8  5 'Structure model' '_database_2.pdbx_DOI'                        
9  5 'Structure model' '_database_2.pdbx_database_accession'         
10 5 'Structure model' '_pdbx_struct_conn_angle.ptnr1_auth_asym_id'  
11 5 'Structure model' '_pdbx_struct_conn_angle.ptnr1_auth_comp_id'  
12 5 'Structure model' '_pdbx_struct_conn_angle.ptnr1_auth_seq_id'   
13 5 'Structure model' '_pdbx_struct_conn_angle.ptnr1_label_asym_id' 
14 5 'Structure model' '_pdbx_struct_conn_angle.ptnr1_label_atom_id' 
15 5 'Structure model' '_pdbx_struct_conn_angle.ptnr1_label_comp_id' 
16 5 'Structure model' '_pdbx_struct_conn_angle.ptnr1_label_seq_id'  
17 5 'Structure model' '_pdbx_struct_conn_angle.ptnr2_auth_seq_id'   
18 5 'Structure model' '_pdbx_struct_conn_angle.ptnr2_label_asym_id' 
19 5 'Structure model' '_pdbx_struct_conn_angle.ptnr3_auth_asym_id'  
20 5 'Structure model' '_pdbx_struct_conn_angle.ptnr3_auth_comp_id'  
21 5 'Structure model' '_pdbx_struct_conn_angle.ptnr3_auth_seq_id'   
22 5 'Structure model' '_pdbx_struct_conn_angle.ptnr3_label_asym_id' 
23 5 'Structure model' '_pdbx_struct_conn_angle.ptnr3_label_atom_id' 
24 5 'Structure model' '_pdbx_struct_conn_angle.ptnr3_label_comp_id' 
25 5 'Structure model' '_pdbx_struct_conn_angle.ptnr3_label_seq_id'  
26 5 'Structure model' '_pdbx_struct_conn_angle.ptnr3_symmetry'      
27 5 'Structure model' '_pdbx_struct_conn_angle.value'               
28 5 'Structure model' '_struct_conn.conn_type_id'                   
29 5 'Structure model' '_struct_conn.id'                             
30 5 'Structure model' '_struct_conn.pdbx_dist_value'                
31 5 'Structure model' '_struct_conn.pdbx_leaving_atom_flag'         
32 5 'Structure model' '_struct_conn.ptnr1_auth_asym_id'             
33 5 'Structure model' '_struct_conn.ptnr1_auth_comp_id'             
34 5 'Structure model' '_struct_conn.ptnr1_auth_seq_id'              
35 5 'Structure model' '_struct_conn.ptnr1_label_asym_id'            
36 5 'Structure model' '_struct_conn.ptnr1_label_atom_id'            
37 5 'Structure model' '_struct_conn.ptnr1_label_comp_id'            
38 5 'Structure model' '_struct_conn.ptnr1_label_seq_id'             
39 5 'Structure model' '_struct_conn.ptnr2_auth_asym_id'             
40 5 'Structure model' '_struct_conn.ptnr2_auth_comp_id'             
41 5 'Structure model' '_struct_conn.ptnr2_auth_seq_id'              
42 5 'Structure model' '_struct_conn.ptnr2_label_asym_id'            
43 5 'Structure model' '_struct_conn.ptnr2_label_atom_id'            
44 5 'Structure model' '_struct_conn.ptnr2_label_comp_id'            
45 5 'Structure model' '_struct_conn.ptnr2_label_seq_id'             
46 5 'Structure model' '_struct_conn.ptnr2_symmetry'                 
47 5 'Structure model' '_struct_site.pdbx_auth_asym_id'              
48 5 'Structure model' '_struct_site.pdbx_auth_comp_id'              
49 5 'Structure model' '_struct_site.pdbx_auth_seq_id'               
# 
_pdbx_database_status.entry_id                        1Z5T 
_pdbx_database_status.deposit_site                    RCSB 
_pdbx_database_status.process_site                    RCSB 
_pdbx_database_status.recvd_initial_deposition_date   2005-03-19 
_pdbx_database_status.status_code                     REL 
_pdbx_database_status.status_code_sf                  REL 
_pdbx_database_status.status_code_mr                  ? 
_pdbx_database_status.SG_entry                        N 
_pdbx_database_status.pdb_format_compatible           Y 
_pdbx_database_status.status_code_cs                  ? 
_pdbx_database_status.methods_development_category    ? 
_pdbx_database_status.status_code_nmr_data            ? 
# 
_pdbx_database_related.db_name        NDB 
_pdbx_database_related.db_id          BD0054 
_pdbx_database_related.details        'The unmodified dodecamer grown in presence of thallium I cations.' 
_pdbx_database_related.content_type   unspecified 
# 
loop_
_audit_author.name 
_audit_author.pdbx_ordinal 
'Moulaei, T.'    1  
'Maehigashi, T.' 2  
'Lountos, G.T.'  3  
'Komeda, S.'     4  
'Watkins, D.'    5  
'Stone, M.P.'    6  
'Marky, L.A.'    7  
'Li, J.S.'       8  
'Gold, B.'       9  
'Williams, L.D.' 10 
# 
_citation.id                        primary 
_citation.title                     'Structure of B-DNA with cations tethered in the major groove.' 
_citation.journal_abbrev            Biochemistry 
_citation.journal_volume            44 
_citation.page_first                7458 
_citation.page_last                 7468 
_citation.year                      2005 
_citation.journal_id_ASTM           BICHAW 
_citation.country                   US 
_citation.journal_id_ISSN           0006-2960 
_citation.journal_id_CSD            0033 
_citation.book_publisher            ? 
_citation.pdbx_database_id_PubMed   15895989 
_citation.pdbx_database_id_DOI      10.1021/bi050128z 
# 
loop_
_citation_author.citation_id 
_citation_author.name 
_citation_author.ordinal 
_citation_author.identifier_ORCID 
primary 'Moulaei, T.'    1  ? 
primary 'Maehigashi, T.' 2  ? 
primary 'Lountos, G.T.'  3  ? 
primary 'Komeda, S.'     4  ? 
primary 'Watkins, D.'    5  ? 
primary 'Stone, M.P.'    6  ? 
primary 'Marky, L.A.'    7  ? 
primary 'Li, J.S.'       8  ? 
primary 'Gold, B.'       9  ? 
primary 'Williams, L.D.' 10 ? 
# 
loop_
_entity.id 
_entity.type 
_entity.src_method 
_entity.pdbx_description 
_entity.formula_weight 
_entity.pdbx_number_of_molecules 
_entity.pdbx_ec 
_entity.pdbx_mutation 
_entity.pdbx_fragment 
_entity.details 
1 polymer     syn "5'-D(*CP*GP*CP*GP*AP*AP*(ZDU)P*(ZDU)P*CP*GP*CP*G)-3'" 3749.528 2   ? ? ? 'Dickerson-Drew Dodecamer' 
2 non-polymer syn SPERMINE                                               202.340  2   ? ? ? ?                          
3 non-polymer syn 'THALLIUM (I) ION'                                     204.383  8   ? ? ? ?                          
4 water       nat water                                                  18.015   106 ? ? ? ?                          
# 
_entity_poly.entity_id                      1 
_entity_poly.type                           polydeoxyribonucleotide 
_entity_poly.nstd_linkage                   no 
_entity_poly.nstd_monomer                   yes 
_entity_poly.pdbx_seq_one_letter_code       '(DC)(DG)(DC)(DG)(DA)(DA)(ZDU)(ZDU)(DC)(DG)(DC)(DG)' 
_entity_poly.pdbx_seq_one_letter_code_can   CGCGAAUUCGCG 
_entity_poly.pdbx_strand_id                 A,B 
_entity_poly.pdbx_target_identifier         ? 
# 
loop_
_pdbx_entity_nonpoly.entity_id 
_pdbx_entity_nonpoly.name 
_pdbx_entity_nonpoly.comp_id 
2 SPERMINE           SPM 
3 'THALLIUM (I) ION' TL  
4 water              HOH 
# 
loop_
_entity_poly_seq.entity_id 
_entity_poly_seq.num 
_entity_poly_seq.mon_id 
_entity_poly_seq.hetero 
1 1  DC  n 
1 2  DG  n 
1 3  DC  n 
1 4  DG  n 
1 5  DA  n 
1 6  DA  n 
1 7  ZDU n 
1 8  ZDU n 
1 9  DC  n 
1 10 DG  n 
1 11 DC  n 
1 12 DG  n 
# 
loop_
_chem_comp.id 
_chem_comp.type 
_chem_comp.mon_nstd_flag 
_chem_comp.name 
_chem_comp.pdbx_synonyms 
_chem_comp.formula 
_chem_comp.formula_weight 
DA  'DNA linking' y "2'-DEOXYADENOSINE-5'-MONOPHOSPHATE"                 ? 'C10 H14 N5 O6 P' 331.222 
DC  'DNA linking' y "2'-DEOXYCYTIDINE-5'-MONOPHOSPHATE"                  ? 'C9 H14 N3 O7 P'  307.197 
DG  'DNA linking' y "2'-DEOXYGUANOSINE-5'-MONOPHOSPHATE"                 ? 'C10 H14 N5 O7 P' 347.221 
HOH non-polymer   . WATER                                                ? 'H2 O'            18.015  
SPM non-polymer   . SPERMINE                                             ? 'C10 H26 N4'      202.340 
TL  non-polymer   . 'THALLIUM (I) ION'                                   ? 'Tl 1'            204.383 
ZDU 'DNA linking' n "5-(3-AMINOPROPYL)-2'-DEOXYURIDINE-5'-MONOPHOSPHATE" ? 'C12 H20 N3 O8 P' 365.276 
# 
loop_
_pdbx_poly_seq_scheme.asym_id 
_pdbx_poly_seq_scheme.entity_id 
_pdbx_poly_seq_scheme.seq_id 
_pdbx_poly_seq_scheme.mon_id 
_pdbx_poly_seq_scheme.ndb_seq_num 
_pdbx_poly_seq_scheme.pdb_seq_num 
_pdbx_poly_seq_scheme.auth_seq_num 
_pdbx_poly_seq_scheme.pdb_mon_id 
_pdbx_poly_seq_scheme.auth_mon_id 
_pdbx_poly_seq_scheme.pdb_strand_id 
_pdbx_poly_seq_scheme.pdb_ins_code 
_pdbx_poly_seq_scheme.hetero 
A 1 1  DC  1  1  1  DC  C   A . n 
A 1 2  DG  2  2  2  DG  G   A . n 
A 1 3  DC  3  3  3  DC  C   A . n 
A 1 4  DG  4  4  4  DG  G   A . n 
A 1 5  DA  5  5  5  DA  A   A . n 
A 1 6  DA  6  6  6  DA  A   A . n 
A 1 7  ZDU 7  7  7  ZDU ZDU A . n 
A 1 8  ZDU 8  8  8  ZDU ZDU A . n 
A 1 9  DC  9  9  9  DC  C   A . n 
A 1 10 DG  10 10 10 DG  G   A . n 
A 1 11 DC  11 11 11 DC  C   A . n 
A 1 12 DG  12 12 12 DG  G   A . n 
B 1 1  DC  1  13 13 DC  C   B . n 
B 1 2  DG  2  14 14 DG  G   B . n 
B 1 3  DC  3  15 15 DC  C   B . n 
B 1 4  DG  4  16 16 DG  G   B . n 
B 1 5  DA  5  17 17 DA  A   B . n 
B 1 6  DA  6  18 18 DA  A   B . n 
B 1 7  ZDU 7  19 19 ZDU ZDU B . n 
B 1 8  ZDU 8  20 20 ZDU ZDU B . n 
B 1 9  DC  9  21 21 DC  C   B . n 
B 1 10 DG  10 22 22 DG  G   B . n 
B 1 11 DC  11 23 23 DC  C   B . n 
B 1 12 DG  12 24 24 DG  G   B . n 
# 
loop_
_pdbx_nonpoly_scheme.asym_id 
_pdbx_nonpoly_scheme.entity_id 
_pdbx_nonpoly_scheme.mon_id 
_pdbx_nonpoly_scheme.ndb_seq_num 
_pdbx_nonpoly_scheme.pdb_seq_num 
_pdbx_nonpoly_scheme.auth_seq_num 
_pdbx_nonpoly_scheme.pdb_mon_id 
_pdbx_nonpoly_scheme.auth_mon_id 
_pdbx_nonpoly_scheme.pdb_strand_id 
_pdbx_nonpoly_scheme.pdb_ins_code 
C 2 SPM 1  25  25  SPM SPM A . 
D 3 TL  1  27  27  TL  TL  A . 
E 3 TL  1  29  29  TL  TL  A . 
F 3 TL  1  30  30  TL  TL  A . 
G 3 TL  1  32  32  TL  TL  A . 
H 3 TL  1  33  33  TL  TL  A . 
I 2 SPM 1  26  26  SPM SPN B . 
J 3 TL  1  28  28  TL  TL  B . 
K 3 TL  1  31  31  TL  TL  B . 
L 3 TL  1  34  34  TL  TL  B . 
M 4 HOH 1  35  35  HOH HOH A . 
M 4 HOH 2  36  36  HOH HOH A . 
M 4 HOH 3  38  38  HOH HOH A . 
M 4 HOH 4  39  39  HOH HOH A . 
M 4 HOH 5  41  41  HOH HOH A . 
M 4 HOH 6  42  42  HOH HOH A . 
M 4 HOH 7  44  44  HOH HOH A . 
M 4 HOH 8  45  45  HOH HOH A . 
M 4 HOH 9  47  47  HOH HOH A . 
M 4 HOH 10 48  48  HOH HOH A . 
M 4 HOH 11 49  49  HOH HOH A . 
M 4 HOH 12 50  50  HOH HOH A . 
M 4 HOH 13 56  56  HOH HOH A . 
M 4 HOH 14 58  58  HOH HOH A . 
M 4 HOH 15 59  59  HOH HOH A . 
M 4 HOH 16 60  60  HOH HOH A . 
M 4 HOH 17 64  64  HOH HOH A . 
M 4 HOH 18 68  68  HOH HOH A . 
M 4 HOH 19 71  71  HOH HOH A . 
M 4 HOH 20 72  72  HOH HOH A . 
M 4 HOH 21 74  74  HOH HOH A . 
M 4 HOH 22 75  75  HOH HOH A . 
M 4 HOH 23 76  76  HOH HOH A . 
M 4 HOH 24 77  77  HOH HOH A . 
M 4 HOH 25 78  78  HOH HOH A . 
M 4 HOH 26 79  79  HOH HOH A . 
M 4 HOH 27 80  80  HOH HOH A . 
M 4 HOH 28 82  82  HOH HOH A . 
M 4 HOH 29 84  84  HOH HOH A . 
M 4 HOH 30 86  86  HOH HOH A . 
M 4 HOH 31 87  87  HOH HOH A . 
M 4 HOH 32 89  89  HOH HOH A . 
M 4 HOH 33 90  90  HOH HOH A . 
M 4 HOH 34 93  93  HOH HOH A . 
M 4 HOH 35 95  95  HOH HOH A . 
M 4 HOH 36 96  96  HOH HOH A . 
M 4 HOH 37 99  99  HOH HOH A . 
M 4 HOH 38 100 100 HOH HOH A . 
M 4 HOH 39 103 103 HOH HOH A . 
M 4 HOH 40 104 104 HOH HOH A . 
M 4 HOH 41 106 106 HOH HOH A . 
M 4 HOH 42 111 111 HOH HOH A . 
M 4 HOH 43 112 112 HOH HOH A . 
M 4 HOH 44 113 113 HOH HOH A . 
M 4 HOH 45 114 114 HOH HOH A . 
M 4 HOH 46 117 117 HOH HOH A . 
M 4 HOH 47 118 118 HOH HOH A . 
M 4 HOH 48 119 119 HOH HOH A . 
M 4 HOH 49 120 120 HOH HOH A . 
M 4 HOH 50 121 121 HOH HOH A . 
M 4 HOH 51 122 122 HOH HOH A . 
M 4 HOH 52 126 126 HOH HOH A . 
M 4 HOH 53 127 127 HOH HOH A . 
M 4 HOH 54 128 128 HOH HOH A . 
M 4 HOH 55 132 132 HOH HOH A . 
M 4 HOH 56 134 134 HOH HOH A . 
M 4 HOH 57 137 137 HOH HOH A . 
M 4 HOH 58 139 139 HOH HOH A . 
M 4 HOH 59 140 140 HOH HOH A . 
N 4 HOH 1  37  37  HOH HOH B . 
N 4 HOH 2  40  40  HOH HOH B . 
N 4 HOH 3  43  43  HOH HOH B . 
N 4 HOH 4  46  46  HOH HOH B . 
N 4 HOH 5  51  51  HOH HOH B . 
N 4 HOH 6  52  52  HOH HOH B . 
N 4 HOH 7  53  53  HOH HOH B . 
N 4 HOH 8  54  54  HOH HOH B . 
N 4 HOH 9  55  55  HOH HOH B . 
N 4 HOH 10 57  57  HOH HOH B . 
N 4 HOH 11 61  61  HOH HOH B . 
N 4 HOH 12 62  62  HOH HOH B . 
N 4 HOH 13 63  63  HOH HOH B . 
N 4 HOH 14 65  65  HOH HOH B . 
N 4 HOH 15 66  66  HOH HOH B . 
N 4 HOH 16 67  67  HOH HOH B . 
N 4 HOH 17 69  69  HOH HOH B . 
N 4 HOH 18 70  70  HOH HOH B . 
N 4 HOH 19 73  73  HOH HOH B . 
N 4 HOH 20 81  81  HOH HOH B . 
N 4 HOH 21 83  83  HOH HOH B . 
N 4 HOH 22 85  85  HOH HOH B . 
N 4 HOH 23 88  88  HOH HOH B . 
N 4 HOH 24 91  91  HOH HOH B . 
N 4 HOH 25 92  92  HOH HOH B . 
N 4 HOH 26 94  94  HOH HOH B . 
N 4 HOH 27 97  97  HOH HOH B . 
N 4 HOH 28 98  98  HOH HOH B . 
N 4 HOH 29 101 101 HOH HOH B . 
N 4 HOH 30 102 102 HOH HOH B . 
N 4 HOH 31 105 105 HOH HOH B . 
N 4 HOH 32 107 107 HOH HOH B . 
N 4 HOH 33 108 108 HOH HOH B . 
N 4 HOH 34 109 109 HOH HOH B . 
N 4 HOH 35 110 110 HOH HOH B . 
N 4 HOH 36 115 115 HOH HOH B . 
N 4 HOH 37 116 116 HOH HOH B . 
N 4 HOH 38 123 123 HOH HOH B . 
N 4 HOH 39 124 124 HOH HOH B . 
N 4 HOH 40 125 125 HOH HOH B . 
N 4 HOH 41 129 129 HOH HOH B . 
N 4 HOH 42 130 130 HOH HOH B . 
N 4 HOH 43 131 131 HOH HOH B . 
N 4 HOH 44 133 133 HOH HOH B . 
N 4 HOH 45 135 135 HOH HOH B . 
N 4 HOH 46 136 136 HOH HOH B . 
N 4 HOH 47 138 138 HOH HOH B . 
# 
loop_
_pdbx_unobs_or_zero_occ_atoms.id 
_pdbx_unobs_or_zero_occ_atoms.PDB_model_num 
_pdbx_unobs_or_zero_occ_atoms.polymer_flag 
_pdbx_unobs_or_zero_occ_atoms.occupancy_flag 
_pdbx_unobs_or_zero_occ_atoms.auth_asym_id 
_pdbx_unobs_or_zero_occ_atoms.auth_comp_id 
_pdbx_unobs_or_zero_occ_atoms.auth_seq_id 
_pdbx_unobs_or_zero_occ_atoms.PDB_ins_code 
_pdbx_unobs_or_zero_occ_atoms.auth_atom_id 
_pdbx_unobs_or_zero_occ_atoms.label_alt_id 
_pdbx_unobs_or_zero_occ_atoms.label_asym_id 
_pdbx_unobs_or_zero_occ_atoms.label_comp_id 
_pdbx_unobs_or_zero_occ_atoms.label_seq_id 
_pdbx_unobs_or_zero_occ_atoms.label_atom_id 
1  1 Y 0 A DC  1  ? "O5'" ? A DC  1 "O5'" 
2  1 Y 0 B DC  13 ? "O5'" ? B DC  1 "O5'" 
3  1 N 1 A SPM 25 ? C9    ? C SPM 1 C9    
4  1 N 1 A SPM 25 ? N10   ? C SPM 1 N10   
5  1 N 1 A SPM 25 ? C11   ? C SPM 1 C11   
6  1 N 1 A SPM 25 ? C12   ? C SPM 1 C12   
7  1 N 1 A SPM 25 ? C13   ? C SPM 1 C13   
8  1 N 1 A SPM 25 ? N14   ? C SPM 1 N14   
9  1 N 1 B SPM 26 ? C7    ? I SPM 1 C7    
10 1 N 1 B SPM 26 ? C8    ? I SPM 1 C8    
11 1 N 1 B SPM 26 ? C9    ? I SPM 1 C9    
12 1 N 1 B SPM 26 ? N10   ? I SPM 1 N10   
13 1 N 1 B SPM 26 ? C11   ? I SPM 1 C11   
14 1 N 1 B SPM 26 ? C12   ? I SPM 1 C12   
15 1 N 1 B SPM 26 ? C13   ? I SPM 1 C13   
16 1 N 1 B SPM 26 ? N14   ? I SPM 1 N14   
# 
loop_
_software.name 
_software.version 
_software.date 
_software.type 
_software.contact_author 
_software.contact_author_email 
_software.classification 
_software.location 
_software.language 
_software.citation_id 
_software.pdbx_ordinal 
DENZO     . ? package 'Zbyszek Otwinowski' zbyszek@mix.swmed.edu 'data reduction' http://www.lnls.br/infra/linhasluz/denzo-hkl.htm 
?          ? 1 
SCALEPACK . ? package 'Zbyszek Otwinowski' zbyszek@mix.swmed.edu 'data scaling'   http://www.lnls.br/infra/linhasluz/denzo-hkl.htm 
?          ? 2 
CNS       . ? package 'Axel T. Brunger'    axel.brunger@yale.edu refinement       http://cns.csb.yale.edu/v1.1/                    
Fortran_77 ? 3 
HKL-2000  . ? ?       ?                    ?                     'data reduction' ?                                                
?          ? 4 
CNS       . ? ?       ?                    ?                     phasing          ?                                                
?          ? 5 
# 
_cell.length_a           24.994 
_cell.length_b           41.057 
_cell.length_c           66.339 
_cell.angle_alpha        90.00 
_cell.angle_beta         90.00 
_cell.angle_gamma        90.00 
_cell.entry_id           1Z5T 
_cell.pdbx_unique_axis   ? 
_cell.Z_PDB              8 
# 
_symmetry.space_group_name_H-M             'P 21 21 21' 
_symmetry.entry_id                         1Z5T 
_symmetry.pdbx_full_space_group_name_H-M   ? 
_symmetry.Int_Tables_number                19 
_symmetry.cell_setting                     ? 
_symmetry.space_group_name_Hall            ? 
# 
_exptl.entry_id          1Z5T 
_exptl.crystals_number   1 
_exptl.method            'X-RAY DIFFRACTION' 
# 
_exptl_crystal.id                    1 
_exptl_crystal.density_Matthews      2.18 
_exptl_crystal.density_meas          ? 
_exptl_crystal.density_percent_sol   43.49 
_exptl_crystal.description           ? 
_exptl_crystal.F_000                 ? 
_exptl_crystal.preparation           ? 
# 
_exptl_crystal_grow.crystal_id      1 
_exptl_crystal_grow.method          'VAPOR DIFFUSION, SITTING DROP' 
_exptl_crystal_grow.pH              6.5 
_exptl_crystal_grow.temp            295.2 
_exptl_crystal_grow.temp_details    ? 
_exptl_crystal_grow.pdbx_details    
;MPD, cacodylate (pH adjusted using spermine base), spermine acetate, ANAPOE-C12E10 (detergent), pH 6.5, VAPOR DIFFUSION, SITTING DROP, temperature 295.2K
;
_exptl_crystal_grow.pdbx_pH_range   . 
# 
loop_
_exptl_crystal_grow_comp.crystal_id 
_exptl_crystal_grow_comp.id 
_exptl_crystal_grow_comp.sol_id 
_exptl_crystal_grow_comp.name 
_exptl_crystal_grow_comp.conc 
_exptl_crystal_grow_comp.volume 
_exptl_crystal_grow_comp.details 
1 1 1 MPD                         ? ? ? 
1 2 1 cacodylate                  ? ? ? 
1 3 1 'spermine acetate'          ? ? ? 
1 4 1 'ANAPOE-C12E10 (detergent)' ? ? ? 
1 5 1 H2O                         ? ? ? 
1 6 2 MPD                         ? ? ? 
1 7 2 'ANAPOE-C12E10 (detergent)' ? ? ? 
1 8 2 H2O                         ? ? ? 
# 
_diffrn.id                     1 
_diffrn.ambient_temp           113.2 
_diffrn.ambient_temp_details   ? 
_diffrn.crystal_id             1 
# 
_diffrn_detector.diffrn_id              1 
_diffrn_detector.detector               CCD 
_diffrn_detector.type                   'MAR CCD 165 mm' 
_diffrn_detector.pdbx_collection_date   2003-12-10 
_diffrn_detector.details                ? 
# 
_diffrn_radiation.diffrn_id                        1 
_diffrn_radiation.wavelength_id                    1 
_diffrn_radiation.pdbx_diffrn_protocol             'SINGLE WAVELENGTH' 
_diffrn_radiation.monochromator                    ? 
_diffrn_radiation.pdbx_monochromatic_or_laue_m_l   M 
_diffrn_radiation.pdbx_scattering_type             x-ray 
# 
_diffrn_radiation_wavelength.id           1 
_diffrn_radiation_wavelength.wavelength   1.00930 
_diffrn_radiation_wavelength.wt           1.0 
# 
_diffrn_source.diffrn_id                   1 
_diffrn_source.source                      SYNCHROTRON 
_diffrn_source.type                        'APS BEAMLINE 22-ID' 
_diffrn_source.pdbx_wavelength             ? 
_diffrn_source.pdbx_wavelength_list        1.00930 
_diffrn_source.pdbx_synchrotron_site       APS 
_diffrn_source.pdbx_synchrotron_beamline   22-ID 
# 
_reflns.entry_id                     1Z5T 
_reflns.d_resolution_low             50.00 
_reflns.d_resolution_high            1.49 
_reflns.number_obs                   8901 
_reflns.percent_possible_obs         77.3 
_reflns.pdbx_Rmerge_I_obs            0.044 
_reflns.pdbx_chi_squared             0.969 
_reflns.pdbx_redundancy              3.300 
_reflns.pdbx_scaling_rejects         ? 
_reflns.pdbx_netI_over_sigmaI        ? 
_reflns.pdbx_Rsym_value              ? 
_reflns.observed_criterion_sigma_F   2.0 
_reflns.observed_criterion_sigma_I   2.0 
_reflns.number_all                   ? 
_reflns.B_iso_Wilson_estimate        ? 
_reflns.R_free_details               ? 
_reflns.pdbx_diffrn_id               1 
_reflns.pdbx_ordinal                 1 
# 
_reflns_shell.d_res_low              1.54 
_reflns_shell.d_res_high             1.49 
_reflns_shell.number_measured_obs    204 
_reflns_shell.percent_possible_obs   9.300 
_reflns_shell.Rmerge_I_obs           0.555 
_reflns_shell.pdbx_chi_squared       0.456 
_reflns_shell.pdbx_redundancy        1.300 
_reflns_shell.number_unique_obs      ? 
_reflns_shell.meanI_over_sigI_obs    ? 
_reflns_shell.pdbx_Rsym_value        ? 
_reflns_shell.percent_possible_all   49.1 
_reflns_shell.number_unique_all      ? 
_reflns_shell.number_measured_all    ? 
_reflns_shell.pdbx_diffrn_id         ? 
_reflns_shell.pdbx_ordinal           1 
# 
_refine.ls_d_res_high                            1.600 
_refine.ls_d_res_low                             34.910 
_refine.pdbx_ls_sigma_F                          1.01 
_refine.pdbx_data_cutoff_high_absF               447402.281 
_refine.pdbx_data_cutoff_low_absF                0.000 
_refine.ls_percent_reflns_obs                    77.200 
_refine.ls_number_reflns_obs                     7355 
_refine.pdbx_ls_cross_valid_method               THROUGHOUT 
_refine.pdbx_R_Free_selection_details            RANDOM 
_refine.ls_R_factor_R_work                       0.198 
_refine.ls_R_factor_R_free                       0.244 
_refine.ls_percent_reflns_R_free                 10.600 
_refine.ls_number_reflns_R_free                  778 
_refine.ls_R_factor_R_free_error                 0.009 
_refine.B_iso_mean                               35.400 
_refine.solvent_model_param_bsol                 62.017 
_refine.solvent_model_param_ksol                 0.317 
_refine.pdbx_isotropic_thermal_model             RESTRAINED 
_refine.aniso_B[1][1]                            5.870 
_refine.aniso_B[2][2]                            1.220 
_refine.aniso_B[3][3]                            -7.090 
_refine.aniso_B[1][2]                            0.000 
_refine.aniso_B[1][3]                            0.000 
_refine.aniso_B[2][3]                            0.000 
_refine.solvent_model_details                    'FLAT MODEL' 
_refine.entry_id                                 1Z5T 
_refine.pdbx_ls_sigma_I                          ? 
_refine.ls_number_reflns_all                     7355 
_refine.ls_R_factor_all                          0.233 
_refine.ls_R_factor_obs                          0.233 
_refine.ls_redundancy_reflns_obs                 ? 
_refine.ls_number_parameters                     ? 
_refine.ls_number_restraints                     ? 
_refine.ls_R_factor_R_free_error_details         ? 
_refine.pdbx_method_to_determine_struct          'MOLECULAR REPLACEMENT' 
_refine.pdbx_starting_model                      'NDB entery BDL084' 
_refine.pdbx_stereochem_target_val_spec_case     ? 
_refine.pdbx_stereochemistry_target_values       'Engh & Huber' 
_refine.occupancy_max                            ? 
_refine.occupancy_min                            ? 
_refine.details                                  ? 
_refine.correlation_coeff_Fo_to_Fc               ? 
_refine.correlation_coeff_Fo_to_Fc_free          ? 
_refine.pdbx_solvent_vdw_probe_radii             ? 
_refine.pdbx_solvent_ion_probe_radii             ? 
_refine.pdbx_solvent_shrinkage_radii             ? 
_refine.overall_SU_R_Cruickshank_DPI             ? 
_refine.overall_SU_R_free                        ? 
_refine.overall_SU_ML                            ? 
_refine.overall_SU_B                             ? 
_refine.pdbx_overall_ESU_R_Free                  ? 
_refine.pdbx_data_cutoff_high_rms_absF           ? 
_refine.pdbx_overall_ESU_R                       ? 
_refine.ls_wR_factor_R_free                      ? 
_refine.ls_wR_factor_R_work                      ? 
_refine.overall_FOM_free_R_set                   ? 
_refine.overall_FOM_work_R_set                   ? 
_refine.pdbx_refine_id                           'X-RAY DIFFRACTION' 
_refine.pdbx_diffrn_id                           1 
_refine.pdbx_TLS_residual_ADP_flag               ? 
_refine.pdbx_overall_phase_error                 ? 
_refine.pdbx_overall_SU_R_free_Cruickshank_DPI   ? 
_refine.pdbx_overall_SU_R_Blow_DPI               ? 
_refine.pdbx_overall_SU_R_free_Blow_DPI          ? 
# 
_refine_analyze.Luzzati_coordinate_error_obs    0.190 
_refine_analyze.Luzzati_sigma_a_obs             0.090 
_refine_analyze.Luzzati_d_res_low_obs           5.000 
_refine_analyze.Luzzati_coordinate_error_free   0.240 
_refine_analyze.Luzzati_sigma_a_free            0.130 
_refine_analyze.pdbx_refine_id                  'X-RAY DIFFRACTION' 
_refine_analyze.entry_id                        1Z5T 
_refine_analyze.Luzzati_d_res_low_free          ? 
_refine_analyze.number_disordered_residues      ? 
_refine_analyze.occupancy_sum_hydrogen          ? 
_refine_analyze.occupancy_sum_non_hydrogen      ? 
# 
_refine_hist.pdbx_refine_id                   'X-RAY DIFFRACTION' 
_refine_hist.cycle_id                         LAST 
_refine_hist.pdbx_number_atoms_protein        0 
_refine_hist.pdbx_number_atoms_nucleic_acid   498 
_refine_hist.pdbx_number_atoms_ligand         22 
_refine_hist.number_atoms_solvent             106 
_refine_hist.number_atoms_total               626 
_refine_hist.d_res_high                       1.600 
_refine_hist.d_res_low                        34.910 
# 
loop_
_refine_ls_restr.type 
_refine_ls_restr.number 
_refine_ls_restr.dev_ideal 
_refine_ls_restr.dev_ideal_target 
_refine_ls_restr.weight 
_refine_ls_restr.pdbx_refine_id 
_refine_ls_restr.pdbx_restraint_function 
c_bond_d           ? 0.0098 ?     ? 'X-RAY DIFFRACTION' ? 
c_angle_deg        ? 1.3809 0.000 ? 'X-RAY DIFFRACTION' ? 
c_dihedral_angle_d ? 1.000  0.000 ? 'X-RAY DIFFRACTION' ? 
c_improper_angle_d ? 1.430  0.000 ? 'X-RAY DIFFRACTION' ? 
c_mcbond_it        ? ?      0.000 ? 'X-RAY DIFFRACTION' ? 
c_mcangle_it       ? ?      0.000 ? 'X-RAY DIFFRACTION' ? 
c_scbond_it        ? ?      0.000 ? 'X-RAY DIFFRACTION' ? 
c_scangle_it       ? ?      0.000 ? 'X-RAY DIFFRACTION' ? 
# 
_refine_ls_shell.d_res_high                       1.600 
_refine_ls_shell.d_res_low                        1.660 
_refine_ls_shell.pdbx_total_number_of_bins_used   10 
_refine_ls_shell.percent_reflns_obs               24.300 
_refine_ls_shell.number_reflns_R_work             203 
_refine_ls_shell.R_factor_R_work                  0.172 
_refine_ls_shell.R_factor_R_free                  0.222 
_refine_ls_shell.percent_reflns_R_free            11.400 
_refine_ls_shell.number_reflns_R_free             26 
_refine_ls_shell.R_factor_R_free_error            0.043 
_refine_ls_shell.redundancy_reflns_obs            ? 
_refine_ls_shell.pdbx_refine_id                   'X-RAY DIFFRACTION' 
_refine_ls_shell.number_reflns_all                ? 
_refine_ls_shell.R_factor_all                     ? 
# 
loop_
_pdbx_xplor_file.serial_no 
_pdbx_xplor_file.param_file 
_pdbx_xplor_file.topol_file 
_pdbx_xplor_file.pdbx_refine_id 
1 protein.top         protein_rep.param         'X-RAY DIFFRACTION' 
2 dna-rna_tinoush.top dna-rna_rep_tinoush.param 'X-RAY DIFFRACTION' 
3 water.top           water_rep.param           'X-RAY DIFFRACTION' 
4 ion2.top            ion2.param                'X-RAY DIFFRACTION' 
5 spm.top             spm.param                 'X-RAY DIFFRACTION' 
# 
_struct.entry_id                  1Z5T 
_struct.title                     
;Crystal Structure of [d(CGCGAA(Z3dU)(Z3dU)CGCG)]2, Z3dU:5-(3-aminopropyl)-2'-deoxyuridine, in presence of thallium I.
;
_struct.pdbx_model_details        ? 
_struct.pdbx_CASP_flag            ? 
_struct.pdbx_model_type_details   ? 
# 
_struct_keywords.entry_id        1Z5T 
_struct_keywords.pdbx_keywords   DNA 
_struct_keywords.text            'B-DNA, Tl+, thallium, modified DNA, cations, modified thymine, DNA' 
# 
loop_
_struct_asym.id 
_struct_asym.pdbx_blank_PDB_chainid_flag 
_struct_asym.pdbx_modified 
_struct_asym.entity_id 
_struct_asym.details 
A N N 1 ? 
B N N 1 ? 
C N N 2 ? 
D N N 3 ? 
E N N 3 ? 
F N N 3 ? 
G N N 3 ? 
H N N 3 ? 
I N N 2 ? 
J N N 3 ? 
K N N 3 ? 
L N N 3 ? 
M N N 4 ? 
N N N 4 ? 
# 
_struct_ref.id                         1 
_struct_ref.entity_id                  1 
_struct_ref.db_name                    PDB 
_struct_ref.db_code                    1Z5T 
_struct_ref.pdbx_db_accession          1Z5T 
_struct_ref.pdbx_db_isoform            ? 
_struct_ref.pdbx_seq_one_letter_code   ? 
_struct_ref.pdbx_align_begin           ? 
# 
loop_
_struct_ref_seq.align_id 
_struct_ref_seq.ref_id 
_struct_ref_seq.pdbx_PDB_id_code 
_struct_ref_seq.pdbx_strand_id 
_struct_ref_seq.seq_align_beg 
_struct_ref_seq.pdbx_seq_align_beg_ins_code 
_struct_ref_seq.seq_align_end 
_struct_ref_seq.pdbx_seq_align_end_ins_code 
_struct_ref_seq.pdbx_db_accession 
_struct_ref_seq.db_align_beg 
_struct_ref_seq.pdbx_db_align_beg_ins_code 
_struct_ref_seq.db_align_end 
_struct_ref_seq.pdbx_db_align_end_ins_code 
_struct_ref_seq.pdbx_auth_seq_align_beg 
_struct_ref_seq.pdbx_auth_seq_align_end 
1 1 1Z5T A 1 ? 12 ? 1Z5T 1  ? 12 ? 1  12 
2 1 1Z5T B 1 ? 12 ? 1Z5T 13 ? 24 ? 13 24 
# 
_pdbx_struct_assembly.id                   1 
_pdbx_struct_assembly.details              author_defined_assembly 
_pdbx_struct_assembly.method_details       ? 
_pdbx_struct_assembly.oligomeric_details   dimeric 
_pdbx_struct_assembly.oligomeric_count     2 
# 
_pdbx_struct_assembly_gen.assembly_id       1 
_pdbx_struct_assembly_gen.oper_expression   1 
_pdbx_struct_assembly_gen.asym_id_list      A,B,C,D,E,F,G,H,I,J,K,L,M,N 
# 
_pdbx_struct_oper_list.id                   1 
_pdbx_struct_oper_list.type                 'identity operation' 
_pdbx_struct_oper_list.name                 1_555 
_pdbx_struct_oper_list.symmetry_operation   x,y,z 
_pdbx_struct_oper_list.matrix[1][1]         1.0000000000 
_pdbx_struct_oper_list.matrix[1][2]         0.0000000000 
_pdbx_struct_oper_list.matrix[1][3]         0.0000000000 
_pdbx_struct_oper_list.vector[1]            0.0000000000 
_pdbx_struct_oper_list.matrix[2][1]         0.0000000000 
_pdbx_struct_oper_list.matrix[2][2]         1.0000000000 
_pdbx_struct_oper_list.matrix[2][3]         0.0000000000 
_pdbx_struct_oper_list.vector[2]            0.0000000000 
_pdbx_struct_oper_list.matrix[3][1]         0.0000000000 
_pdbx_struct_oper_list.matrix[3][2]         0.0000000000 
_pdbx_struct_oper_list.matrix[3][3]         1.0000000000 
_pdbx_struct_oper_list.vector[3]            0.0000000000 
# 
_struct_biol.id                    1 
_struct_biol.pdbx_parent_biol_id   ? 
_struct_biol.details               ? 
# 
loop_
_struct_conn.id 
_struct_conn.conn_type_id 
_struct_conn.pdbx_leaving_atom_flag 
_struct_conn.pdbx_PDB_id 
_struct_conn.ptnr1_label_asym_id 
_struct_conn.ptnr1_label_comp_id 
_struct_conn.ptnr1_label_seq_id 
_struct_conn.ptnr1_label_atom_id 
_struct_conn.pdbx_ptnr1_label_alt_id 
_struct_conn.pdbx_ptnr1_PDB_ins_code 
_struct_conn.pdbx_ptnr1_standard_comp_id 
_struct_conn.ptnr1_symmetry 
_struct_conn.ptnr2_label_asym_id 
_struct_conn.ptnr2_label_comp_id 
_struct_conn.ptnr2_label_seq_id 
_struct_conn.ptnr2_label_atom_id 
_struct_conn.pdbx_ptnr2_label_alt_id 
_struct_conn.pdbx_ptnr2_PDB_ins_code 
_struct_conn.ptnr1_auth_asym_id 
_struct_conn.ptnr1_auth_comp_id 
_struct_conn.ptnr1_auth_seq_id 
_struct_conn.ptnr2_auth_asym_id 
_struct_conn.ptnr2_auth_comp_id 
_struct_conn.ptnr2_auth_seq_id 
_struct_conn.ptnr2_symmetry 
_struct_conn.pdbx_ptnr3_label_atom_id 
_struct_conn.pdbx_ptnr3_label_seq_id 
_struct_conn.pdbx_ptnr3_label_comp_id 
_struct_conn.pdbx_ptnr3_label_asym_id 
_struct_conn.pdbx_ptnr3_label_alt_id 
_struct_conn.pdbx_ptnr3_PDB_ins_code 
_struct_conn.details 
_struct_conn.pdbx_dist_value 
_struct_conn.pdbx_value_order 
_struct_conn.pdbx_role 
covale1  covale both ? A DA  6  "O3'" ? ? ? 1_555 A ZDU 7  P     ? ? A DA  6   A ZDU 7  1_555 ? ? ? ? ? ? ?            1.599 ? ? 
covale2  covale both ? A ZDU 7  "O3'" ? ? ? 1_555 A ZDU 8  P     ? ? A ZDU 7   A ZDU 8  1_555 ? ? ? ? ? ? ?            1.611 ? ? 
covale3  covale both ? A ZDU 8  "O3'" ? ? ? 1_555 A DC  9  P     ? ? A ZDU 8   A DC  9  1_555 ? ? ? ? ? ? ?            1.612 ? ? 
covale4  covale both ? B DA  6  "O3'" ? ? ? 1_555 B ZDU 7  P     ? ? B DA  18  B ZDU 19 1_555 ? ? ? ? ? ? ?            1.616 ? ? 
covale5  covale both ? B ZDU 7  "O3'" ? ? ? 1_555 B ZDU 8  P     ? ? B ZDU 19  B ZDU 20 1_555 ? ? ? ? ? ? ?            1.613 ? ? 
covale6  covale both ? B ZDU 8  "O3'" ? ? ? 1_555 B DC  9  P     ? ? B ZDU 20  B DC  21 1_555 ? ? ? ? ? ? ?            1.605 ? ? 
metalc1  metalc ?    ? A DA  6  OP1   ? ? ? 1_555 G TL  .  TL    ? ? A DA  6   A TL  32 1_555 ? ? ? ? ? ? ?            2.564 ? ? 
metalc2  metalc ?    ? A DA  6  "O5'" ? ? ? 1_555 G TL  .  TL    ? ? A DA  6   A TL  32 1_555 ? ? ? ? ? ? ?            3.308 ? ? 
metalc3  metalc ?    ? A ZDU 7  O2    ? ? ? 1_555 F TL  .  TL    ? ? A ZDU 7   A TL  30 1_555 ? ? ? ? ? ? ?            2.799 ? ? 
metalc4  metalc ?    ? A ZDU 8  "O4'" ? ? ? 1_555 F TL  .  TL    ? ? A ZDU 8   A TL  30 1_555 ? ? ? ? ? ? ?            3.282 ? ? 
metalc5  metalc ?    ? A DG  10 N2    ? ? ? 1_555 E TL  .  TL    ? ? A DG  10  A TL  29 1_555 ? ? ? ? ? ? ?            3.465 ? ? 
metalc6  metalc ?    ? A DG  10 N3    ? ? ? 1_555 E TL  .  TL    ? ? A DG  10  A TL  29 1_555 ? ? ? ? ? ? ?            2.761 ? ? 
metalc7  metalc ?    ? A DG  10 "O4'" ? ? ? 1_555 E TL  .  TL    ? ? A DG  10  A TL  29 1_555 ? ? ? ? ? ? ?            3.315 ? ? 
metalc8  metalc ?    ? A DC  11 "O4'" ? ? ? 1_555 E TL  .  TL    ? ? A DC  11  A TL  29 1_555 ? ? ? ? ? ? ?            2.804 ? ? 
metalc9  metalc ?    ? D TL  .  TL    ? ? ? 1_555 M HOH .  O     ? ? A TL  27  A HOH 38 1_555 ? ? ? ? ? ? ?            2.861 ? ? 
metalc10 metalc ?    ? D TL  .  TL    ? ? ? 1_555 M HOH .  O     ? ? A TL  27  A HOH 71 1_555 ? ? ? ? ? ? ?            2.787 ? ? 
metalc11 metalc ?    ? E TL  .  TL    ? ? ? 1_555 M HOH .  O     ? ? A TL  29  A HOH 48 1_555 ? ? ? ? ? ? ?            2.916 ? ? 
metalc12 metalc ?    ? E TL  .  TL    ? ? ? 1_555 B DG  4  N2    ? ? A TL  29  B DG  16 1_555 ? ? ? ? ? ? ?            3.131 ? ? 
metalc13 metalc ?    ? E TL  .  TL    ? ? ? 1_555 N HOH .  O     ? ? A TL  29  B HOH 55 2_444 ? ? ? ? ? ? ?            2.980 ? ? 
metalc14 metalc ?    ? F TL  .  TL    ? ? ? 1_555 M HOH .  O     ? ? A TL  30  A HOH 44 1_555 ? ? ? ? ? ? ?            2.845 ? ? 
metalc15 metalc ?    ? F TL  .  TL    ? ? ? 1_555 B ZDU 7  O2    ? ? A TL  30  B ZDU 19 1_555 ? ? ? ? ? ? ?            2.824 ? ? 
metalc16 metalc ?    ? F TL  .  TL    ? ? ? 1_555 B ZDU 8  "O4'" ? ? A TL  30  B ZDU 20 1_555 ? ? ? ? ? ? ?            3.298 ? ? 
metalc17 metalc ?    ? F TL  .  TL    ? ? ? 1_555 N HOH .  O     ? ? A TL  30  B HOH 40 1_555 ? ? ? ? ? ? ?            2.767 ? ? 
metalc18 metalc ?    ? H TL  .  TL    ? ? ? 1_555 M HOH .  O     ? ? A TL  33  A HOH 58 1_555 ? ? ? ? ? ? ?            3.161 ? ? 
metalc19 metalc ?    ? M HOH .  O     ? ? ? 1_555 K TL  .  TL    ? ? A HOH 39  B TL  31 1_555 ? ? ? ? ? ? ?            2.563 ? ? 
metalc20 metalc ?    ? M HOH .  O     ? ? ? 1_555 K TL  .  TL    ? ? A HOH 106 B TL  31 1_555 ? ? ? ? ? ? ?            2.463 ? ? 
metalc21 metalc ?    ? L TL  .  TL    ? ? ? 1_555 N HOH .  O     ? ? B TL  34  B HOH 57 1_555 ? ? ? ? ? ? ?            2.745 ? ? 
hydrog1  hydrog ?    ? A DC  1  N3    ? ? ? 1_555 B DG  12 N1    ? ? A DC  1   B DG  24 1_555 ? ? ? ? ? ? WATSON-CRICK ?     ? ? 
hydrog2  hydrog ?    ? A DC  1  N4    ? ? ? 1_555 B DG  12 O6    ? ? A DC  1   B DG  24 1_555 ? ? ? ? ? ? WATSON-CRICK ?     ? ? 
hydrog3  hydrog ?    ? A DC  1  O2    ? ? ? 1_555 B DG  12 N2    ? ? A DC  1   B DG  24 1_555 ? ? ? ? ? ? WATSON-CRICK ?     ? ? 
hydrog4  hydrog ?    ? A DG  2  N1    ? ? ? 1_555 B DC  11 N3    ? ? A DG  2   B DC  23 1_555 ? ? ? ? ? ? WATSON-CRICK ?     ? ? 
hydrog5  hydrog ?    ? A DG  2  N2    ? ? ? 1_555 B DC  11 O2    ? ? A DG  2   B DC  23 1_555 ? ? ? ? ? ? WATSON-CRICK ?     ? ? 
hydrog6  hydrog ?    ? A DG  2  O6    ? ? ? 1_555 B DC  11 N4    ? ? A DG  2   B DC  23 1_555 ? ? ? ? ? ? WATSON-CRICK ?     ? ? 
hydrog7  hydrog ?    ? A DC  3  N3    ? ? ? 1_555 B DG  10 N1    ? ? A DC  3   B DG  22 1_555 ? ? ? ? ? ? WATSON-CRICK ?     ? ? 
hydrog8  hydrog ?    ? A DC  3  N4    ? ? ? 1_555 B DG  10 O6    ? ? A DC  3   B DG  22 1_555 ? ? ? ? ? ? WATSON-CRICK ?     ? ? 
hydrog9  hydrog ?    ? A DC  3  O2    ? ? ? 1_555 B DG  10 N2    ? ? A DC  3   B DG  22 1_555 ? ? ? ? ? ? WATSON-CRICK ?     ? ? 
hydrog10 hydrog ?    ? A DG  4  N1    ? ? ? 1_555 B DC  9  N3    ? ? A DG  4   B DC  21 1_555 ? ? ? ? ? ? WATSON-CRICK ?     ? ? 
hydrog11 hydrog ?    ? A DG  4  N2    ? ? ? 1_555 B DC  9  O2    ? ? A DG  4   B DC  21 1_555 ? ? ? ? ? ? WATSON-CRICK ?     ? ? 
hydrog12 hydrog ?    ? A DG  4  O6    ? ? ? 1_555 B DC  9  N4    ? ? A DG  4   B DC  21 1_555 ? ? ? ? ? ? WATSON-CRICK ?     ? ? 
hydrog13 hydrog ?    ? A DA  5  N1    ? ? ? 1_555 B ZDU 8  N3    ? ? A DA  5   B ZDU 20 1_555 ? ? ? ? ? ? WATSON-CRICK ?     ? ? 
hydrog14 hydrog ?    ? A DA  5  N6    ? ? ? 1_555 B ZDU 8  O4    ? ? A DA  5   B ZDU 20 1_555 ? ? ? ? ? ? WATSON-CRICK ?     ? ? 
hydrog15 hydrog ?    ? A DA  6  N1    ? ? ? 1_555 B ZDU 7  N3    ? ? A DA  6   B ZDU 19 1_555 ? ? ? ? ? ? WATSON-CRICK ?     ? ? 
hydrog16 hydrog ?    ? A DA  6  N6    ? ? ? 1_555 B ZDU 7  O4    ? ? A DA  6   B ZDU 19 1_555 ? ? ? ? ? ? WATSON-CRICK ?     ? ? 
hydrog17 hydrog ?    ? A ZDU 7  N3    ? ? ? 1_555 B DA  6  N1    ? ? A ZDU 7   B DA  18 1_555 ? ? ? ? ? ? WATSON-CRICK ?     ? ? 
hydrog18 hydrog ?    ? A ZDU 7  O4    ? ? ? 1_555 B DA  6  N6    ? ? A ZDU 7   B DA  18 1_555 ? ? ? ? ? ? WATSON-CRICK ?     ? ? 
hydrog19 hydrog ?    ? A ZDU 8  N3    ? ? ? 1_555 B DA  5  N1    ? ? A ZDU 8   B DA  17 1_555 ? ? ? ? ? ? WATSON-CRICK ?     ? ? 
hydrog20 hydrog ?    ? A ZDU 8  O4    ? ? ? 1_555 B DA  5  N6    ? ? A ZDU 8   B DA  17 1_555 ? ? ? ? ? ? WATSON-CRICK ?     ? ? 
hydrog21 hydrog ?    ? A DC  9  N3    ? ? ? 1_555 B DG  4  N1    ? ? A DC  9   B DG  16 1_555 ? ? ? ? ? ? WATSON-CRICK ?     ? ? 
hydrog22 hydrog ?    ? A DC  9  N4    ? ? ? 1_555 B DG  4  O6    ? ? A DC  9   B DG  16 1_555 ? ? ? ? ? ? WATSON-CRICK ?     ? ? 
hydrog23 hydrog ?    ? A DC  9  O2    ? ? ? 1_555 B DG  4  N2    ? ? A DC  9   B DG  16 1_555 ? ? ? ? ? ? WATSON-CRICK ?     ? ? 
hydrog24 hydrog ?    ? A DG  10 N1    ? ? ? 1_555 B DC  3  N3    ? ? A DG  10  B DC  15 1_555 ? ? ? ? ? ? WATSON-CRICK ?     ? ? 
hydrog25 hydrog ?    ? A DG  10 N2    ? ? ? 1_555 B DC  3  O2    ? ? A DG  10  B DC  15 1_555 ? ? ? ? ? ? WATSON-CRICK ?     ? ? 
hydrog26 hydrog ?    ? A DG  10 O6    ? ? ? 1_555 B DC  3  N4    ? ? A DG  10  B DC  15 1_555 ? ? ? ? ? ? WATSON-CRICK ?     ? ? 
hydrog27 hydrog ?    ? A DC  11 N3    ? ? ? 1_555 B DG  2  N1    ? ? A DC  11  B DG  14 1_555 ? ? ? ? ? ? WATSON-CRICK ?     ? ? 
hydrog28 hydrog ?    ? A DC  11 N4    ? ? ? 1_555 B DG  2  O6    ? ? A DC  11  B DG  14 1_555 ? ? ? ? ? ? WATSON-CRICK ?     ? ? 
hydrog29 hydrog ?    ? A DC  11 O2    ? ? ? 1_555 B DG  2  N2    ? ? A DC  11  B DG  14 1_555 ? ? ? ? ? ? WATSON-CRICK ?     ? ? 
hydrog30 hydrog ?    ? A DG  12 N1    ? ? ? 1_555 B DC  1  N3    ? ? A DG  12  B DC  13 1_555 ? ? ? ? ? ? WATSON-CRICK ?     ? ? 
hydrog31 hydrog ?    ? A DG  12 N2    ? ? ? 1_555 B DC  1  O2    ? ? A DG  12  B DC  13 1_555 ? ? ? ? ? ? WATSON-CRICK ?     ? ? 
hydrog32 hydrog ?    ? A DG  12 O6    ? ? ? 1_555 B DC  1  N4    ? ? A DG  12  B DC  13 1_555 ? ? ? ? ? ? WATSON-CRICK ?     ? ? 
# 
loop_
_struct_conn_type.id 
_struct_conn_type.criteria 
_struct_conn_type.reference 
covale ? ? 
metalc ? ? 
hydrog ? ? 
# 
loop_
_pdbx_struct_conn_angle.id 
_pdbx_struct_conn_angle.ptnr1_label_atom_id 
_pdbx_struct_conn_angle.ptnr1_label_alt_id 
_pdbx_struct_conn_angle.ptnr1_label_asym_id 
_pdbx_struct_conn_angle.ptnr1_label_comp_id 
_pdbx_struct_conn_angle.ptnr1_label_seq_id 
_pdbx_struct_conn_angle.ptnr1_auth_atom_id 
_pdbx_struct_conn_angle.ptnr1_auth_asym_id 
_pdbx_struct_conn_angle.ptnr1_auth_comp_id 
_pdbx_struct_conn_angle.ptnr1_auth_seq_id 
_pdbx_struct_conn_angle.ptnr1_PDB_ins_code 
_pdbx_struct_conn_angle.ptnr1_symmetry 
_pdbx_struct_conn_angle.ptnr2_label_atom_id 
_pdbx_struct_conn_angle.ptnr2_label_alt_id 
_pdbx_struct_conn_angle.ptnr2_label_asym_id 
_pdbx_struct_conn_angle.ptnr2_label_comp_id 
_pdbx_struct_conn_angle.ptnr2_label_seq_id 
_pdbx_struct_conn_angle.ptnr2_auth_atom_id 
_pdbx_struct_conn_angle.ptnr2_auth_asym_id 
_pdbx_struct_conn_angle.ptnr2_auth_comp_id 
_pdbx_struct_conn_angle.ptnr2_auth_seq_id 
_pdbx_struct_conn_angle.ptnr2_PDB_ins_code 
_pdbx_struct_conn_angle.ptnr2_symmetry 
_pdbx_struct_conn_angle.ptnr3_label_atom_id 
_pdbx_struct_conn_angle.ptnr3_label_alt_id 
_pdbx_struct_conn_angle.ptnr3_label_asym_id 
_pdbx_struct_conn_angle.ptnr3_label_comp_id 
_pdbx_struct_conn_angle.ptnr3_label_seq_id 
_pdbx_struct_conn_angle.ptnr3_auth_atom_id 
_pdbx_struct_conn_angle.ptnr3_auth_asym_id 
_pdbx_struct_conn_angle.ptnr3_auth_comp_id 
_pdbx_struct_conn_angle.ptnr3_auth_seq_id 
_pdbx_struct_conn_angle.ptnr3_PDB_ins_code 
_pdbx_struct_conn_angle.ptnr3_symmetry 
_pdbx_struct_conn_angle.value 
_pdbx_struct_conn_angle.value_esd 
1  OP1   ? A DA  6  ? A DA  6  ? 1_555 TL ? G TL . ? A TL 32 ? 1_555 "O5'" ? A DA  6  ? A DA  6   ? 1_555 48.0  ? 
2  O2    ? A ZDU 7  ? A ZDU 7  ? 1_555 TL ? F TL . ? A TL 30 ? 1_555 "O4'" ? A ZDU 8  ? A ZDU 8   ? 1_555 66.7  ? 
3  O2    ? A ZDU 7  ? A ZDU 7  ? 1_555 TL ? F TL . ? A TL 30 ? 1_555 O     ? M HOH .  ? A HOH 44  ? 1_555 95.1  ? 
4  "O4'" ? A ZDU 8  ? A ZDU 8  ? 1_555 TL ? F TL . ? A TL 30 ? 1_555 O     ? M HOH .  ? A HOH 44  ? 1_555 95.2  ? 
5  O2    ? A ZDU 7  ? A ZDU 7  ? 1_555 TL ? F TL . ? A TL 30 ? 1_555 O2    ? B ZDU 7  ? B ZDU 19  ? 1_555 80.1  ? 
6  "O4'" ? A ZDU 8  ? A ZDU 8  ? 1_555 TL ? F TL . ? A TL 30 ? 1_555 O2    ? B ZDU 7  ? B ZDU 19  ? 1_555 139.8 ? 
7  O     ? M HOH .  ? A HOH 44 ? 1_555 TL ? F TL . ? A TL 30 ? 1_555 O2    ? B ZDU 7  ? B ZDU 19  ? 1_555 110.3 ? 
8  O2    ? A ZDU 7  ? A ZDU 7  ? 1_555 TL ? F TL . ? A TL 30 ? 1_555 "O4'" ? B ZDU 8  ? B ZDU 20  ? 1_555 134.3 ? 
9  "O4'" ? A ZDU 8  ? A ZDU 8  ? 1_555 TL ? F TL . ? A TL 30 ? 1_555 "O4'" ? B ZDU 8  ? B ZDU 20  ? 1_555 154.1 ? 
10 O     ? M HOH .  ? A HOH 44 ? 1_555 TL ? F TL . ? A TL 30 ? 1_555 "O4'" ? B ZDU 8  ? B ZDU 20  ? 1_555 70.8  ? 
11 O2    ? B ZDU 7  ? B ZDU 19 ? 1_555 TL ? F TL . ? A TL 30 ? 1_555 "O4'" ? B ZDU 8  ? B ZDU 20  ? 1_555 66.0  ? 
12 O2    ? A ZDU 7  ? A ZDU 7  ? 1_555 TL ? F TL . ? A TL 30 ? 1_555 O     ? N HOH .  ? B HOH 40  ? 1_555 116.9 ? 
13 "O4'" ? A ZDU 8  ? A ZDU 8  ? 1_555 TL ? F TL . ? A TL 30 ? 1_555 O     ? N HOH .  ? B HOH 40  ? 1_555 75.1  ? 
14 O     ? M HOH .  ? A HOH 44 ? 1_555 TL ? F TL . ? A TL 30 ? 1_555 O     ? N HOH .  ? B HOH 40  ? 1_555 137.6 ? 
15 O2    ? B ZDU 7  ? B ZDU 19 ? 1_555 TL ? F TL . ? A TL 30 ? 1_555 O     ? N HOH .  ? B HOH 40  ? 1_555 102.4 ? 
16 "O4'" ? B ZDU 8  ? B ZDU 20 ? 1_555 TL ? F TL . ? A TL 30 ? 1_555 O     ? N HOH .  ? B HOH 40  ? 1_555 100.2 ? 
17 N2    ? A DG  10 ? A DG  10 ? 1_555 TL ? E TL . ? A TL 29 ? 1_555 N3    ? A DG  10 ? A DG  10  ? 1_555 41.4  ? 
18 N2    ? A DG  10 ? A DG  10 ? 1_555 TL ? E TL . ? A TL 29 ? 1_555 "O4'" ? A DG  10 ? A DG  10  ? 1_555 109.5 ? 
19 N3    ? A DG  10 ? A DG  10 ? 1_555 TL ? E TL . ? A TL 29 ? 1_555 "O4'" ? A DG  10 ? A DG  10  ? 1_555 69.1  ? 
20 N2    ? A DG  10 ? A DG  10 ? 1_555 TL ? E TL . ? A TL 29 ? 1_555 "O4'" ? A DC  11 ? A DC  11  ? 1_555 104.1 ? 
21 N3    ? A DG  10 ? A DG  10 ? 1_555 TL ? E TL . ? A TL 29 ? 1_555 "O4'" ? A DC  11 ? A DC  11  ? 1_555 115.4 ? 
22 "O4'" ? A DG  10 ? A DG  10 ? 1_555 TL ? E TL . ? A TL 29 ? 1_555 "O4'" ? A DC  11 ? A DC  11  ? 1_555 117.3 ? 
23 N2    ? A DG  10 ? A DG  10 ? 1_555 TL ? E TL . ? A TL 29 ? 1_555 O     ? M HOH .  ? A HOH 48  ? 1_555 136.2 ? 
24 N3    ? A DG  10 ? A DG  10 ? 1_555 TL ? E TL . ? A TL 29 ? 1_555 O     ? M HOH .  ? A HOH 48  ? 1_555 129.1 ? 
25 "O4'" ? A DG  10 ? A DG  10 ? 1_555 TL ? E TL . ? A TL 29 ? 1_555 O     ? M HOH .  ? A HOH 48  ? 1_555 74.5  ? 
26 "O4'" ? A DC  11 ? A DC  11 ? 1_555 TL ? E TL . ? A TL 29 ? 1_555 O     ? M HOH .  ? A HOH 48  ? 1_555 112.4 ? 
27 N2    ? A DG  10 ? A DG  10 ? 1_555 TL ? E TL . ? A TL 29 ? 1_555 N2    ? B DG  4  ? B DG  16  ? 1_555 55.7  ? 
28 N3    ? A DG  10 ? A DG  10 ? 1_555 TL ? E TL . ? A TL 29 ? 1_555 N2    ? B DG  4  ? B DG  16  ? 1_555 71.5  ? 
29 "O4'" ? A DG  10 ? A DG  10 ? 1_555 TL ? E TL . ? A TL 29 ? 1_555 N2    ? B DG  4  ? B DG  16  ? 1_555 98.9  ? 
30 "O4'" ? A DC  11 ? A DC  11 ? 1_555 TL ? E TL . ? A TL 29 ? 1_555 N2    ? B DG  4  ? B DG  16  ? 1_555 143.5 ? 
31 O     ? M HOH .  ? A HOH 48 ? 1_555 TL ? E TL . ? A TL 29 ? 1_555 N2    ? B DG  4  ? B DG  16  ? 1_555 80.5  ? 
32 N2    ? A DG  10 ? A DG  10 ? 1_555 TL ? E TL . ? A TL 29 ? 1_555 O     ? N HOH .  ? B HOH 55  ? 2_444 109.4 ? 
33 N3    ? A DG  10 ? A DG  10 ? 1_555 TL ? E TL . ? A TL 29 ? 1_555 O     ? N HOH .  ? B HOH 55  ? 2_444 148.1 ? 
34 "O4'" ? A DG  10 ? A DG  10 ? 1_555 TL ? E TL . ? A TL 29 ? 1_555 O     ? N HOH .  ? B HOH 55  ? 2_444 131.5 ? 
35 "O4'" ? A DC  11 ? A DC  11 ? 1_555 TL ? E TL . ? A TL 29 ? 1_555 O     ? N HOH .  ? B HOH 55  ? 2_444 79.3  ? 
36 O     ? M HOH .  ? A HOH 48 ? 1_555 TL ? E TL . ? A TL 29 ? 1_555 O     ? N HOH .  ? B HOH 55  ? 2_444 57.3  ? 
37 N2    ? B DG  4  ? B DG  16 ? 1_555 TL ? E TL . ? A TL 29 ? 1_555 O     ? N HOH .  ? B HOH 55  ? 2_444 80.3  ? 
38 O     ? M HOH .  ? A HOH 38 ? 1_555 TL ? D TL . ? A TL 27 ? 1_555 O     ? M HOH .  ? A HOH 71  ? 1_555 127.4 ? 
39 O     ? M HOH .  ? A HOH 39 ? 1_555 TL ? K TL . ? B TL 31 ? 1_555 O     ? M HOH .  ? A HOH 106 ? 1_555 153.7 ? 
# 
loop_
_struct_site.id 
_struct_site.pdbx_evidence_code 
_struct_site.pdbx_auth_asym_id 
_struct_site.pdbx_auth_comp_id 
_struct_site.pdbx_auth_seq_id 
_struct_site.pdbx_auth_ins_code 
_struct_site.pdbx_num_residues 
_struct_site.details 
AC1 Software A SPM 25 ? 5 'BINDING SITE FOR RESIDUE SPM A 25' 
AC2 Software B SPM 26 ? 5 'BINDING SITE FOR RESIDUE SPM B 26' 
AC3 Software A TL  27 ? 4 'BINDING SITE FOR RESIDUE TL A 27'  
AC4 Software B TL  28 ? 1 'BINDING SITE FOR RESIDUE TL B 28'  
AC5 Software A TL  29 ? 5 'BINDING SITE FOR RESIDUE TL A 29'  
AC6 Software A TL  30 ? 6 'BINDING SITE FOR RESIDUE TL A 30'  
AC7 Software B TL  31 ? 3 'BINDING SITE FOR RESIDUE TL B 31'  
AC8 Software A TL  32 ? 1 'BINDING SITE FOR RESIDUE TL A 32'  
AC9 Software A TL  33 ? 1 'BINDING SITE FOR RESIDUE TL A 33'  
BC1 Software B TL  34 ? 2 'BINDING SITE FOR RESIDUE TL B 34'  
# 
loop_
_struct_site_gen.id 
_struct_site_gen.site_id 
_struct_site_gen.pdbx_num_res 
_struct_site_gen.label_comp_id 
_struct_site_gen.label_asym_id 
_struct_site_gen.label_seq_id 
_struct_site_gen.pdbx_auth_ins_code 
_struct_site_gen.auth_comp_id 
_struct_site_gen.auth_asym_id 
_struct_site_gen.auth_seq_id 
_struct_site_gen.label_atom_id 
_struct_site_gen.label_alt_id 
_struct_site_gen.symmetry 
_struct_site_gen.details 
1  AC1 5 DG  A 12 ? DG  A 12  . ? 1_555 ? 
2  AC1 5 HOH M .  ? HOH A 42  . ? 1_555 ? 
3  AC1 5 DC  B 1  ? DC  B 13  . ? 1_555 ? 
4  AC1 5 DG  B 10 ? DG  B 22  . ? 2_544 ? 
5  AC1 5 TL  J .  ? TL  B 28  . ? 1_555 ? 
6  AC2 5 DC  B 3  ? DC  B 15  . ? 1_555 ? 
7  AC2 5 DG  B 4  ? DG  B 16  . ? 1_555 ? 
8  AC2 5 DA  B 5  ? DA  B 17  . ? 1_555 ? 
9  AC2 5 TL  L .  ? TL  B 34  . ? 1_555 ? 
10 AC2 5 HOH N .  ? HOH B 52  . ? 1_555 ? 
11 AC3 4 DA  A 5  ? DA  A 5   . ? 2_444 ? 
12 AC3 4 DG  A 12 ? DG  A 12  . ? 1_555 ? 
13 AC3 4 HOH M .  ? HOH A 38  . ? 1_555 ? 
14 AC3 4 HOH M .  ? HOH A 71  . ? 1_555 ? 
15 AC4 1 SPM C .  ? SPM A 25  . ? 1_555 ? 
16 AC5 5 DG  A 10 ? DG  A 10  . ? 1_555 ? 
17 AC5 5 DC  A 11 ? DC  A 11  . ? 1_555 ? 
18 AC5 5 HOH M .  ? HOH A 48  . ? 1_555 ? 
19 AC5 5 DG  B 4  ? DG  B 16  . ? 1_555 ? 
20 AC5 5 HOH N .  ? HOH B 55  . ? 2_444 ? 
21 AC6 6 ZDU A 7  ? ZDU A 7   . ? 1_555 ? 
22 AC6 6 ZDU A 8  ? ZDU A 8   . ? 1_555 ? 
23 AC6 6 HOH M .  ? HOH A 44  . ? 1_555 ? 
24 AC6 6 ZDU B 7  ? ZDU B 19  . ? 1_555 ? 
25 AC6 6 ZDU B 8  ? ZDU B 20  . ? 1_555 ? 
26 AC6 6 HOH N .  ? HOH B 40  . ? 1_555 ? 
27 AC7 3 HOH M .  ? HOH A 39  . ? 1_555 ? 
28 AC7 3 HOH M .  ? HOH A 106 . ? 1_555 ? 
29 AC7 3 DC  B 9  ? DC  B 21  . ? 1_555 ? 
30 AC8 1 DA  A 6  ? DA  A 6   . ? 1_555 ? 
31 AC9 1 ZDU A 8  ? ZDU A 8   . ? 1_555 ? 
32 BC1 2 SPM I .  ? SPM B 26  . ? 1_555 ? 
33 BC1 2 HOH N .  ? HOH B 57  . ? 1_555 ? 
# 
loop_
_pdbx_validate_close_contact.id 
_pdbx_validate_close_contact.PDB_model_num 
_pdbx_validate_close_contact.auth_atom_id_1 
_pdbx_validate_close_contact.auth_asym_id_1 
_pdbx_validate_close_contact.auth_comp_id_1 
_pdbx_validate_close_contact.auth_seq_id_1 
_pdbx_validate_close_contact.PDB_ins_code_1 
_pdbx_validate_close_contact.label_alt_id_1 
_pdbx_validate_close_contact.auth_atom_id_2 
_pdbx_validate_close_contact.auth_asym_id_2 
_pdbx_validate_close_contact.auth_comp_id_2 
_pdbx_validate_close_contact.auth_seq_id_2 
_pdbx_validate_close_contact.PDB_ins_code_2 
_pdbx_validate_close_contact.label_alt_id_2 
_pdbx_validate_close_contact.dist 
1 1 OP2 A ZDU 7  ? ? O A HOH 86 ? ? 2.05 
2 1 O   A HOH 64 ? ? O A HOH 86 ? ? 2.09 
# 
_pdbx_validate_rmsd_angle.id                         1 
_pdbx_validate_rmsd_angle.PDB_model_num              1 
_pdbx_validate_rmsd_angle.auth_atom_id_1             "C3'" 
_pdbx_validate_rmsd_angle.auth_asym_id_1             A 
_pdbx_validate_rmsd_angle.auth_comp_id_1             DG 
_pdbx_validate_rmsd_angle.auth_seq_id_1              10 
_pdbx_validate_rmsd_angle.PDB_ins_code_1             ? 
_pdbx_validate_rmsd_angle.label_alt_id_1             ? 
_pdbx_validate_rmsd_angle.auth_atom_id_2             "C2'" 
_pdbx_validate_rmsd_angle.auth_asym_id_2             A 
_pdbx_validate_rmsd_angle.auth_comp_id_2             DG 
_pdbx_validate_rmsd_angle.auth_seq_id_2              10 
_pdbx_validate_rmsd_angle.PDB_ins_code_2             ? 
_pdbx_validate_rmsd_angle.label_alt_id_2             ? 
_pdbx_validate_rmsd_angle.auth_atom_id_3             "C1'" 
_pdbx_validate_rmsd_angle.auth_asym_id_3             A 
_pdbx_validate_rmsd_angle.auth_comp_id_3             DG 
_pdbx_validate_rmsd_angle.auth_seq_id_3              10 
_pdbx_validate_rmsd_angle.PDB_ins_code_3             ? 
_pdbx_validate_rmsd_angle.label_alt_id_3             ? 
_pdbx_validate_rmsd_angle.angle_value                97.16 
_pdbx_validate_rmsd_angle.angle_target_value         102.40 
_pdbx_validate_rmsd_angle.angle_deviation            -5.24 
_pdbx_validate_rmsd_angle.angle_standard_deviation   0.80 
_pdbx_validate_rmsd_angle.linker_flag                N 
# 
_pdbx_validate_planes.id              1 
_pdbx_validate_planes.PDB_model_num   1 
_pdbx_validate_planes.auth_comp_id    DC 
_pdbx_validate_planes.auth_asym_id    A 
_pdbx_validate_planes.auth_seq_id     9 
_pdbx_validate_planes.PDB_ins_code    ? 
_pdbx_validate_planes.label_alt_id    ? 
_pdbx_validate_planes.rmsd            0.057 
_pdbx_validate_planes.type            'SIDE CHAIN' 
# 
loop_
_pdbx_struct_mod_residue.id 
_pdbx_struct_mod_residue.label_asym_id 
_pdbx_struct_mod_residue.label_comp_id 
_pdbx_struct_mod_residue.label_seq_id 
_pdbx_struct_mod_residue.auth_asym_id 
_pdbx_struct_mod_residue.auth_comp_id 
_pdbx_struct_mod_residue.auth_seq_id 
_pdbx_struct_mod_residue.PDB_ins_code 
_pdbx_struct_mod_residue.parent_comp_id 
_pdbx_struct_mod_residue.details 
1 A ZDU 7 A ZDU 7  ? DU ? 
2 A ZDU 8 A ZDU 8  ? DU ? 
3 B ZDU 7 B ZDU 19 ? DU ? 
4 B ZDU 8 B ZDU 20 ? DU ? 
# 
_pdbx_phasing_MR.entry_id                     1Z5T 
_pdbx_phasing_MR.method_rotation              direct 
_pdbx_phasing_MR.method_translation           general 
_pdbx_phasing_MR.model_details                ? 
_pdbx_phasing_MR.R_factor                     ? 
_pdbx_phasing_MR.R_rigid_body                 ? 
_pdbx_phasing_MR.correlation_coeff_Fo_to_Fc   0.709 
_pdbx_phasing_MR.correlation_coeff_Io_to_Ic   ? 
_pdbx_phasing_MR.d_res_high_rotation          3.000 
_pdbx_phasing_MR.d_res_low_rotation           15.000 
_pdbx_phasing_MR.d_res_high_translation       3.000 
_pdbx_phasing_MR.d_res_low_translation        15.000 
_pdbx_phasing_MR.packing                      0.423 
_pdbx_phasing_MR.reflns_percent_rotation      95.700 
_pdbx_phasing_MR.reflns_percent_translation   95.700 
_pdbx_phasing_MR.sigma_F_rotation             0.000 
_pdbx_phasing_MR.sigma_F_translation          0.000 
_pdbx_phasing_MR.sigma_I_rotation             ? 
_pdbx_phasing_MR.sigma_I_translation          ? 
# 
loop_
_chem_comp_atom.comp_id 
_chem_comp_atom.atom_id 
_chem_comp_atom.type_symbol 
_chem_comp_atom.pdbx_aromatic_flag 
_chem_comp_atom.pdbx_stereo_config 
_chem_comp_atom.pdbx_ordinal 
DA  OP3    O  N N 1   
DA  P      P  N N 2   
DA  OP1    O  N N 3   
DA  OP2    O  N N 4   
DA  "O5'"  O  N N 5   
DA  "C5'"  C  N N 6   
DA  "C4'"  C  N R 7   
DA  "O4'"  O  N N 8   
DA  "C3'"  C  N S 9   
DA  "O3'"  O  N N 10  
DA  "C2'"  C  N N 11  
DA  "C1'"  C  N R 12  
DA  N9     N  Y N 13  
DA  C8     C  Y N 14  
DA  N7     N  Y N 15  
DA  C5     C  Y N 16  
DA  C6     C  Y N 17  
DA  N6     N  N N 18  
DA  N1     N  Y N 19  
DA  C2     C  Y N 20  
DA  N3     N  Y N 21  
DA  C4     C  Y N 22  
DA  HOP3   H  N N 23  
DA  HOP2   H  N N 24  
DA  "H5'"  H  N N 25  
DA  "H5''" H  N N 26  
DA  "H4'"  H  N N 27  
DA  "H3'"  H  N N 28  
DA  "HO3'" H  N N 29  
DA  "H2'"  H  N N 30  
DA  "H2''" H  N N 31  
DA  "H1'"  H  N N 32  
DA  H8     H  N N 33  
DA  H61    H  N N 34  
DA  H62    H  N N 35  
DA  H2     H  N N 36  
DC  OP3    O  N N 37  
DC  P      P  N N 38  
DC  OP1    O  N N 39  
DC  OP2    O  N N 40  
DC  "O5'"  O  N N 41  
DC  "C5'"  C  N N 42  
DC  "C4'"  C  N R 43  
DC  "O4'"  O  N N 44  
DC  "C3'"  C  N S 45  
DC  "O3'"  O  N N 46  
DC  "C2'"  C  N N 47  
DC  "C1'"  C  N R 48  
DC  N1     N  N N 49  
DC  C2     C  N N 50  
DC  O2     O  N N 51  
DC  N3     N  N N 52  
DC  C4     C  N N 53  
DC  N4     N  N N 54  
DC  C5     C  N N 55  
DC  C6     C  N N 56  
DC  HOP3   H  N N 57  
DC  HOP2   H  N N 58  
DC  "H5'"  H  N N 59  
DC  "H5''" H  N N 60  
DC  "H4'"  H  N N 61  
DC  "H3'"  H  N N 62  
DC  "HO3'" H  N N 63  
DC  "H2'"  H  N N 64  
DC  "H2''" H  N N 65  
DC  "H1'"  H  N N 66  
DC  H41    H  N N 67  
DC  H42    H  N N 68  
DC  H5     H  N N 69  
DC  H6     H  N N 70  
DG  OP3    O  N N 71  
DG  P      P  N N 72  
DG  OP1    O  N N 73  
DG  OP2    O  N N 74  
DG  "O5'"  O  N N 75  
DG  "C5'"  C  N N 76  
DG  "C4'"  C  N R 77  
DG  "O4'"  O  N N 78  
DG  "C3'"  C  N S 79  
DG  "O3'"  O  N N 80  
DG  "C2'"  C  N N 81  
DG  "C1'"  C  N R 82  
DG  N9     N  Y N 83  
DG  C8     C  Y N 84  
DG  N7     N  Y N 85  
DG  C5     C  Y N 86  
DG  C6     C  N N 87  
DG  O6     O  N N 88  
DG  N1     N  N N 89  
DG  C2     C  N N 90  
DG  N2     N  N N 91  
DG  N3     N  N N 92  
DG  C4     C  Y N 93  
DG  HOP3   H  N N 94  
DG  HOP2   H  N N 95  
DG  "H5'"  H  N N 96  
DG  "H5''" H  N N 97  
DG  "H4'"  H  N N 98  
DG  "H3'"  H  N N 99  
DG  "HO3'" H  N N 100 
DG  "H2'"  H  N N 101 
DG  "H2''" H  N N 102 
DG  "H1'"  H  N N 103 
DG  H8     H  N N 104 
DG  H1     H  N N 105 
DG  H21    H  N N 106 
DG  H22    H  N N 107 
HOH O      O  N N 108 
HOH H1     H  N N 109 
HOH H2     H  N N 110 
SPM N1     N  N N 111 
SPM C2     C  N N 112 
SPM C3     C  N N 113 
SPM C4     C  N N 114 
SPM N5     N  N N 115 
SPM C6     C  N N 116 
SPM C7     C  N N 117 
SPM C8     C  N N 118 
SPM C9     C  N N 119 
SPM N10    N  N N 120 
SPM C11    C  N N 121 
SPM C12    C  N N 122 
SPM C13    C  N N 123 
SPM N14    N  N N 124 
SPM HN11   H  N N 125 
SPM HN12   H  N N 126 
SPM H21    H  N N 127 
SPM H22    H  N N 128 
SPM H31    H  N N 129 
SPM H32    H  N N 130 
SPM H41    H  N N 131 
SPM H42    H  N N 132 
SPM HN5    H  N N 133 
SPM H61    H  N N 134 
SPM H62    H  N N 135 
SPM H71    H  N N 136 
SPM H72    H  N N 137 
SPM H81    H  N N 138 
SPM H82    H  N N 139 
SPM H91    H  N N 140 
SPM H92    H  N N 141 
SPM HN0    H  N N 142 
SPM H111   H  N N 143 
SPM H112   H  N N 144 
SPM H121   H  N N 145 
SPM H122   H  N N 146 
SPM H131   H  N N 147 
SPM H132   H  N N 148 
SPM HN41   H  N N 149 
SPM HN42   H  N N 150 
TL  TL     TL N N 151 
ZDU P      P  N N 152 
ZDU OP1    O  N N 153 
ZDU OP2    O  N N 154 
ZDU "O5'"  O  N N 155 
ZDU N1     N  N N 156 
ZDU C6     C  N N 157 
ZDU C2     C  N N 158 
ZDU O2     O  N N 159 
ZDU N3     N  N N 160 
ZDU C4     C  N N 161 
ZDU O4     O  N N 162 
ZDU C5     C  N N 163 
ZDU C5A    C  N N 164 
ZDU C5B    C  N N 165 
ZDU C5G    C  N N 166 
ZDU N5D    N  N N 167 
ZDU "C2'"  C  N N 168 
ZDU "C5'"  C  N N 169 
ZDU "C4'"  C  N R 170 
ZDU "O4'"  O  N N 171 
ZDU "C1'"  C  N R 172 
ZDU "C3'"  C  N S 173 
ZDU "O3'"  O  N N 174 
ZDU OP3    O  N N 175 
ZDU HOP2   H  N N 176 
ZDU H6     H  N N 177 
ZDU HN3    H  N N 178 
ZDU H5A1   H  N N 179 
ZDU H5A2   H  N N 180 
ZDU H5B1   H  N N 181 
ZDU H5B2   H  N N 182 
ZDU H5G1   H  N N 183 
ZDU H5G2   H  N N 184 
ZDU H5D1   H  N N 185 
ZDU H5D2   H  N N 186 
ZDU "H2'"  H  N N 187 
ZDU "H2''" H  N N 188 
ZDU "H5'"  H  N N 189 
ZDU "H5''" H  N N 190 
ZDU "H4'"  H  N N 191 
ZDU "H1'"  H  N N 192 
ZDU "H3'"  H  N N 193 
ZDU "HO3'" H  N N 194 
ZDU HOP3   H  N N 195 
# 
loop_
_chem_comp_bond.comp_id 
_chem_comp_bond.atom_id_1 
_chem_comp_bond.atom_id_2 
_chem_comp_bond.value_order 
_chem_comp_bond.pdbx_aromatic_flag 
_chem_comp_bond.pdbx_stereo_config 
_chem_comp_bond.pdbx_ordinal 
DA  OP3   P      sing N N 1   
DA  OP3   HOP3   sing N N 2   
DA  P     OP1    doub N N 3   
DA  P     OP2    sing N N 4   
DA  P     "O5'"  sing N N 5   
DA  OP2   HOP2   sing N N 6   
DA  "O5'" "C5'"  sing N N 7   
DA  "C5'" "C4'"  sing N N 8   
DA  "C5'" "H5'"  sing N N 9   
DA  "C5'" "H5''" sing N N 10  
DA  "C4'" "O4'"  sing N N 11  
DA  "C4'" "C3'"  sing N N 12  
DA  "C4'" "H4'"  sing N N 13  
DA  "O4'" "C1'"  sing N N 14  
DA  "C3'" "O3'"  sing N N 15  
DA  "C3'" "C2'"  sing N N 16  
DA  "C3'" "H3'"  sing N N 17  
DA  "O3'" "HO3'" sing N N 18  
DA  "C2'" "C1'"  sing N N 19  
DA  "C2'" "H2'"  sing N N 20  
DA  "C2'" "H2''" sing N N 21  
DA  "C1'" N9     sing N N 22  
DA  "C1'" "H1'"  sing N N 23  
DA  N9    C8     sing Y N 24  
DA  N9    C4     sing Y N 25  
DA  C8    N7     doub Y N 26  
DA  C8    H8     sing N N 27  
DA  N7    C5     sing Y N 28  
DA  C5    C6     sing Y N 29  
DA  C5    C4     doub Y N 30  
DA  C6    N6     sing N N 31  
DA  C6    N1     doub Y N 32  
DA  N6    H61    sing N N 33  
DA  N6    H62    sing N N 34  
DA  N1    C2     sing Y N 35  
DA  C2    N3     doub Y N 36  
DA  C2    H2     sing N N 37  
DA  N3    C4     sing Y N 38  
DC  OP3   P      sing N N 39  
DC  OP3   HOP3   sing N N 40  
DC  P     OP1    doub N N 41  
DC  P     OP2    sing N N 42  
DC  P     "O5'"  sing N N 43  
DC  OP2   HOP2   sing N N 44  
DC  "O5'" "C5'"  sing N N 45  
DC  "C5'" "C4'"  sing N N 46  
DC  "C5'" "H5'"  sing N N 47  
DC  "C5'" "H5''" sing N N 48  
DC  "C4'" "O4'"  sing N N 49  
DC  "C4'" "C3'"  sing N N 50  
DC  "C4'" "H4'"  sing N N 51  
DC  "O4'" "C1'"  sing N N 52  
DC  "C3'" "O3'"  sing N N 53  
DC  "C3'" "C2'"  sing N N 54  
DC  "C3'" "H3'"  sing N N 55  
DC  "O3'" "HO3'" sing N N 56  
DC  "C2'" "C1'"  sing N N 57  
DC  "C2'" "H2'"  sing N N 58  
DC  "C2'" "H2''" sing N N 59  
DC  "C1'" N1     sing N N 60  
DC  "C1'" "H1'"  sing N N 61  
DC  N1    C2     sing N N 62  
DC  N1    C6     sing N N 63  
DC  C2    O2     doub N N 64  
DC  C2    N3     sing N N 65  
DC  N3    C4     doub N N 66  
DC  C4    N4     sing N N 67  
DC  C4    C5     sing N N 68  
DC  N4    H41    sing N N 69  
DC  N4    H42    sing N N 70  
DC  C5    C6     doub N N 71  
DC  C5    H5     sing N N 72  
DC  C6    H6     sing N N 73  
DG  OP3   P      sing N N 74  
DG  OP3   HOP3   sing N N 75  
DG  P     OP1    doub N N 76  
DG  P     OP2    sing N N 77  
DG  P     "O5'"  sing N N 78  
DG  OP2   HOP2   sing N N 79  
DG  "O5'" "C5'"  sing N N 80  
DG  "C5'" "C4'"  sing N N 81  
DG  "C5'" "H5'"  sing N N 82  
DG  "C5'" "H5''" sing N N 83  
DG  "C4'" "O4'"  sing N N 84  
DG  "C4'" "C3'"  sing N N 85  
DG  "C4'" "H4'"  sing N N 86  
DG  "O4'" "C1'"  sing N N 87  
DG  "C3'" "O3'"  sing N N 88  
DG  "C3'" "C2'"  sing N N 89  
DG  "C3'" "H3'"  sing N N 90  
DG  "O3'" "HO3'" sing N N 91  
DG  "C2'" "C1'"  sing N N 92  
DG  "C2'" "H2'"  sing N N 93  
DG  "C2'" "H2''" sing N N 94  
DG  "C1'" N9     sing N N 95  
DG  "C1'" "H1'"  sing N N 96  
DG  N9    C8     sing Y N 97  
DG  N9    C4     sing Y N 98  
DG  C8    N7     doub Y N 99  
DG  C8    H8     sing N N 100 
DG  N7    C5     sing Y N 101 
DG  C5    C6     sing N N 102 
DG  C5    C4     doub Y N 103 
DG  C6    O6     doub N N 104 
DG  C6    N1     sing N N 105 
DG  N1    C2     sing N N 106 
DG  N1    H1     sing N N 107 
DG  C2    N2     sing N N 108 
DG  C2    N3     doub N N 109 
DG  N2    H21    sing N N 110 
DG  N2    H22    sing N N 111 
DG  N3    C4     sing N N 112 
HOH O     H1     sing N N 113 
HOH O     H2     sing N N 114 
SPM N1    C2     sing N N 115 
SPM N1    HN11   sing N N 116 
SPM N1    HN12   sing N N 117 
SPM C2    C3     sing N N 118 
SPM C2    H21    sing N N 119 
SPM C2    H22    sing N N 120 
SPM C3    C4     sing N N 121 
SPM C3    H31    sing N N 122 
SPM C3    H32    sing N N 123 
SPM C4    N5     sing N N 124 
SPM C4    H41    sing N N 125 
SPM C4    H42    sing N N 126 
SPM N5    C6     sing N N 127 
SPM N5    HN5    sing N N 128 
SPM C6    C7     sing N N 129 
SPM C6    H61    sing N N 130 
SPM C6    H62    sing N N 131 
SPM C7    C8     sing N N 132 
SPM C7    H71    sing N N 133 
SPM C7    H72    sing N N 134 
SPM C8    C9     sing N N 135 
SPM C8    H81    sing N N 136 
SPM C8    H82    sing N N 137 
SPM C9    N10    sing N N 138 
SPM C9    H91    sing N N 139 
SPM C9    H92    sing N N 140 
SPM N10   C11    sing N N 141 
SPM N10   HN0    sing N N 142 
SPM C11   C12    sing N N 143 
SPM C11   H111   sing N N 144 
SPM C11   H112   sing N N 145 
SPM C12   C13    sing N N 146 
SPM C12   H121   sing N N 147 
SPM C12   H122   sing N N 148 
SPM C13   N14    sing N N 149 
SPM C13   H131   sing N N 150 
SPM C13   H132   sing N N 151 
SPM N14   HN41   sing N N 152 
SPM N14   HN42   sing N N 153 
ZDU P     OP1    doub N N 154 
ZDU P     OP2    sing N N 155 
ZDU P     "O5'"  sing N N 156 
ZDU P     OP3    sing N N 157 
ZDU OP2   HOP2   sing N N 158 
ZDU "O5'" "C5'"  sing N N 159 
ZDU N1    C6     sing N N 160 
ZDU N1    C2     sing N N 161 
ZDU N1    "C1'"  sing N N 162 
ZDU C6    C5     doub N N 163 
ZDU C6    H6     sing N N 164 
ZDU C2    O2     doub N N 165 
ZDU C2    N3     sing N N 166 
ZDU N3    C4     sing N N 167 
ZDU N3    HN3    sing N N 168 
ZDU C4    O4     doub N N 169 
ZDU C4    C5     sing N N 170 
ZDU C5    C5A    sing N N 171 
ZDU C5A   C5B    sing N N 172 
ZDU C5A   H5A1   sing N N 173 
ZDU C5A   H5A2   sing N N 174 
ZDU C5B   C5G    sing N N 175 
ZDU C5B   H5B1   sing N N 176 
ZDU C5B   H5B2   sing N N 177 
ZDU C5G   N5D    sing N N 178 
ZDU C5G   H5G1   sing N N 179 
ZDU C5G   H5G2   sing N N 180 
ZDU N5D   H5D1   sing N N 181 
ZDU N5D   H5D2   sing N N 182 
ZDU "C2'" "C1'"  sing N N 183 
ZDU "C2'" "C3'"  sing N N 184 
ZDU "C2'" "H2'"  sing N N 185 
ZDU "C2'" "H2''" sing N N 186 
ZDU "C5'" "C4'"  sing N N 187 
ZDU "C5'" "H5'"  sing N N 188 
ZDU "C5'" "H5''" sing N N 189 
ZDU "C4'" "O4'"  sing N N 190 
ZDU "C4'" "C3'"  sing N N 191 
ZDU "C4'" "H4'"  sing N N 192 
ZDU "O4'" "C1'"  sing N N 193 
ZDU "C1'" "H1'"  sing N N 194 
ZDU "C3'" "O3'"  sing N N 195 
ZDU "C3'" "H3'"  sing N N 196 
ZDU "O3'" "HO3'" sing N N 197 
ZDU OP3   HOP3   sing N N 198 
# 
loop_
_ndb_struct_conf_na.entry_id 
_ndb_struct_conf_na.feature 
1Z5T 'double helix'        
1Z5T 'b-form double helix' 
# 
loop_
_ndb_struct_na_base_pair.model_number 
_ndb_struct_na_base_pair.i_label_asym_id 
_ndb_struct_na_base_pair.i_label_comp_id 
_ndb_struct_na_base_pair.i_label_seq_id 
_ndb_struct_na_base_pair.i_symmetry 
_ndb_struct_na_base_pair.j_label_asym_id 
_ndb_struct_na_base_pair.j_label_comp_id 
_ndb_struct_na_base_pair.j_label_seq_id 
_ndb_struct_na_base_pair.j_symmetry 
_ndb_struct_na_base_pair.shear 
_ndb_struct_na_base_pair.stretch 
_ndb_struct_na_base_pair.stagger 
_ndb_struct_na_base_pair.buckle 
_ndb_struct_na_base_pair.propeller 
_ndb_struct_na_base_pair.opening 
_ndb_struct_na_base_pair.pair_number 
_ndb_struct_na_base_pair.pair_name 
_ndb_struct_na_base_pair.i_auth_asym_id 
_ndb_struct_na_base_pair.i_auth_seq_id 
_ndb_struct_na_base_pair.i_PDB_ins_code 
_ndb_struct_na_base_pair.j_auth_asym_id 
_ndb_struct_na_base_pair.j_auth_seq_id 
_ndb_struct_na_base_pair.j_PDB_ins_code 
_ndb_struct_na_base_pair.hbond_type_28 
_ndb_struct_na_base_pair.hbond_type_12 
1 A DC  1  1_555 B DG  12 1_555 0.363  -0.164 0.080  4.723  -11.331 0.839  1  A_DC1:DG24_B  A 1  ? B 24 ? 19 1 
1 A DG  2  1_555 B DC  11 1_555 -0.217 -0.279 0.074  1.384  -7.109  -4.837 2  A_DG2:DC23_B  A 2  ? B 23 ? 19 1 
1 A DC  3  1_555 B DG  10 1_555 -0.023 -0.178 0.076  0.230  -10.394 -1.750 3  A_DC3:DG22_B  A 3  ? B 22 ? 19 1 
1 A DG  4  1_555 B DC  9  1_555 -0.362 -0.169 0.073  10.053 -12.287 -0.127 4  A_DG4:DC21_B  A 4  ? B 21 ? 19 1 
1 A DA  5  1_555 B ZDU 8  1_555 0.077  -0.099 -0.005 4.986  -14.109 2.349  5  A_DA5:ZDU20_B A 5  ? B 20 ? 20 1 
1 A DA  6  1_555 B ZDU 7  1_555 -0.084 -0.082 0.161  1.745  -17.331 6.894  6  A_DA6:ZDU19_B A 6  ? B 19 ? 20 1 
1 A ZDU 7  1_555 B DA  6  1_555 0.034  -0.056 0.119  -1.277 -16.010 5.352  7  A_ZDU7:DA18_B A 7  ? B 18 ? 20 1 
1 A ZDU 8  1_555 B DA  5  1_555 -0.019 -0.088 -0.060 -1.024 -12.942 4.884  8  A_ZDU8:DA17_B A 8  ? B 17 ? 20 1 
1 A DC  9  1_555 B DG  4  1_555 0.299  -0.120 0.118  -9.933 -13.047 -0.279 9  A_DC9:DG16_B  A 9  ? B 16 ? 19 1 
1 A DG  10 1_555 B DC  3  1_555 -0.186 -0.171 0.363  4.194  -7.400  0.675  10 A_DG10:DC15_B A 10 ? B 15 ? 19 1 
1 A DC  11 1_555 B DG  2  1_555 0.067  -0.164 0.179  3.076  -16.880 -2.683 11 A_DC11:DG14_B A 11 ? B 14 ? 19 1 
1 A DG  12 1_555 B DC  1  1_555 -0.304 -0.300 0.026  6.870  -6.206  -4.158 12 A_DG12:DC13_B A 12 ? B 13 ? 19 1 
# 
loop_
_ndb_struct_na_base_pair_step.model_number 
_ndb_struct_na_base_pair_step.i_label_asym_id_1 
_ndb_struct_na_base_pair_step.i_label_comp_id_1 
_ndb_struct_na_base_pair_step.i_label_seq_id_1 
_ndb_struct_na_base_pair_step.i_symmetry_1 
_ndb_struct_na_base_pair_step.j_label_asym_id_1 
_ndb_struct_na_base_pair_step.j_label_comp_id_1 
_ndb_struct_na_base_pair_step.j_label_seq_id_1 
_ndb_struct_na_base_pair_step.j_symmetry_1 
_ndb_struct_na_base_pair_step.i_label_asym_id_2 
_ndb_struct_na_base_pair_step.i_label_comp_id_2 
_ndb_struct_na_base_pair_step.i_label_seq_id_2 
_ndb_struct_na_base_pair_step.i_symmetry_2 
_ndb_struct_na_base_pair_step.j_label_asym_id_2 
_ndb_struct_na_base_pair_step.j_label_comp_id_2 
_ndb_struct_na_base_pair_step.j_label_seq_id_2 
_ndb_struct_na_base_pair_step.j_symmetry_2 
_ndb_struct_na_base_pair_step.shift 
_ndb_struct_na_base_pair_step.slide 
_ndb_struct_na_base_pair_step.rise 
_ndb_struct_na_base_pair_step.tilt 
_ndb_struct_na_base_pair_step.roll 
_ndb_struct_na_base_pair_step.twist 
_ndb_struct_na_base_pair_step.x_displacement 
_ndb_struct_na_base_pair_step.y_displacement 
_ndb_struct_na_base_pair_step.helical_rise 
_ndb_struct_na_base_pair_step.inclination 
_ndb_struct_na_base_pair_step.tip 
_ndb_struct_na_base_pair_step.helical_twist 
_ndb_struct_na_base_pair_step.step_number 
_ndb_struct_na_base_pair_step.step_name 
_ndb_struct_na_base_pair_step.i_auth_asym_id_1 
_ndb_struct_na_base_pair_step.i_auth_seq_id_1 
_ndb_struct_na_base_pair_step.i_PDB_ins_code_1 
_ndb_struct_na_base_pair_step.j_auth_asym_id_1 
_ndb_struct_na_base_pair_step.j_auth_seq_id_1 
_ndb_struct_na_base_pair_step.j_PDB_ins_code_1 
_ndb_struct_na_base_pair_step.i_auth_asym_id_2 
_ndb_struct_na_base_pair_step.i_auth_seq_id_2 
_ndb_struct_na_base_pair_step.i_PDB_ins_code_2 
_ndb_struct_na_base_pair_step.j_auth_asym_id_2 
_ndb_struct_na_base_pair_step.j_auth_seq_id_2 
_ndb_struct_na_base_pair_step.j_PDB_ins_code_2 
1 A DC  1  1_555 B DG  12 1_555 A DG  2  1_555 B DC  11 1_555 -0.930 -0.147 3.393 -3.139 1.996  35.163 -0.551 1.047  3.447 3.292  
5.178  35.353 1  AA_DC1DG2:DC23DG24_BB   A 1  ? B 24 ? A 2  ? B 23 ? 
1 A DG  2  1_555 B DC  11 1_555 A DC  3  1_555 B DG  10 1_555 0.457  -0.172 3.339 1.380  1.809  35.386 -0.554 -0.543 3.341 2.972  
-2.268 35.456 2  AA_DG2DC3:DG22DC23_BB   A 2  ? B 23 ? A 3  ? B 22 ? 
1 A DC  3  1_555 B DG  10 1_555 A DG  4  1_555 B DC  9  1_555 -0.356 0.702  3.187 0.823  11.499 29.662 -0.856 0.804  3.220 21.468 
-1.537 31.777 3  AA_DC3DG4:DC21DG22_BB   A 3  ? B 22 ? A 4  ? B 21 ? 
1 A DG  4  1_555 B DC  9  1_555 A DA  5  1_555 B ZDU 8  1_555 0.287  -0.181 3.408 1.285  1.764  34.777 -0.582 -0.277 3.403 2.948  
-2.147 34.844 4  AA_DG4DA5:ZDU20DC21_BB  A 4  ? B 21 ? A 5  ? B 20 ? 
1 A DA  5  1_555 B ZDU 8  1_555 A DA  6  1_555 B ZDU 7  1_555 -0.020 -0.073 3.275 -2.319 -1.058 39.825 0.015  -0.238 3.272 -1.551 
3.401  39.903 5  AA_DA5DA6:ZDU19ZDU20_BB A 5  ? B 20 ? A 6  ? B 19 ? 
1 A DA  6  1_555 B ZDU 7  1_555 A ZDU 7  1_555 B DA  6  1_555 -0.010 -0.598 3.297 0.071  -1.817 32.538 -0.745 0.030  3.325 -3.240 
-0.127 32.587 6  AA_DA6ZDU7:DA18ZDU19_BB A 6  ? B 19 ? A 7  ? B 18 ? 
1 A ZDU 7  1_555 B DA  6  1_555 A ZDU 8  1_555 B DA  5  1_555 -0.112 -0.269 3.228 2.035  -2.933 35.724 -0.022 0.470  3.229 -4.767 
-3.307 35.896 7  AA_ZDU7ZDU8:DA17DA18_BB A 7  ? B 18 ? A 8  ? B 17 ? 
1 A ZDU 8  1_555 B DA  5  1_555 A DC  9  1_555 B DG  4  1_555 -0.172 -0.145 3.474 -0.006 -2.685 42.197 0.092  0.238  3.477 -3.726 
0.009  42.278 8  AA_ZDU8DC9:DG16DA17_BB  A 8  ? B 17 ? A 9  ? B 16 ? 
1 A DC  9  1_555 B DG  4  1_555 A DG  10 1_555 B DC  3  1_555 0.596  0.618  3.038 -2.656 2.219  27.069 0.797  -1.878 3.007 4.716  
5.644  27.285 9  AA_DC9DG10:DC15DG16_BB  A 9  ? B 16 ? A 10 ? B 15 ? 
1 A DG  10 1_555 B DC  3  1_555 A DC  11 1_555 B DG  2  1_555 -1.416 0.511  3.341 -1.318 -7.136 42.552 1.407  1.795  3.259 -9.748 
1.800  43.138 10 AA_DG10DC11:DG14DC15_BB A 10 ? B 15 ? A 11 ? B 14 ? 
1 A DC  11 1_555 B DG  2  1_555 A DG  12 1_555 B DC  1  1_555 1.101  0.739  3.324 3.527  1.192  34.185 1.057  -1.291 3.440 2.020  
-5.978 34.381 11 AA_DC11DG12:DC13DG14_BB A 11 ? B 14 ? A 12 ? B 13 ? 
# 
_pdbx_initial_refinement_model.accession_code   355D 
_pdbx_initial_refinement_model.id               1 
_pdbx_initial_refinement_model.entity_id_list   ? 
_pdbx_initial_refinement_model.type             'experimental model' 
_pdbx_initial_refinement_model.source_name      PDB 
_pdbx_initial_refinement_model.details          'NDB entery BDL084' 
# 
_atom_sites.entry_id                    1Z5T 
_atom_sites.fract_transf_matrix[1][1]   0.02607150 
_atom_sites.fract_transf_matrix[1][2]   -0.00765923 
_atom_sites.fract_transf_matrix[1][3]   0.02936687 
_atom_sites.fract_transf_matrix[2][1]   -0.01782062 
_atom_sites.fract_transf_matrix[2][2]   -0.01009522 
_atom_sites.fract_transf_matrix[2][3]   0.01318794 
_atom_sites.fract_transf_matrix[3][1]   0.00302214 
_atom_sites.fract_transf_matrix[3][2]   -0.01340816 
_atom_sites.fract_transf_matrix[3][3]   -0.00618003 
_atom_sites.fract_transf_vector[1]      -0.090440 
_atom_sites.fract_transf_vector[2]      -0.499058 
_atom_sites.fract_transf_vector[3]      0.635709 
# 
loop_
_atom_type.symbol 
C  
N  
O  
P  
TL 
# 
loop_
_atom_site.group_PDB 
_atom_site.id 
_atom_site.type_symbol 
_atom_site.label_atom_id 
_atom_site.label_alt_id 
_atom_site.label_comp_id 
_atom_site.label_asym_id 
_atom_site.label_entity_id 
_atom_site.label_seq_id 
_atom_site.pdbx_PDB_ins_code 
_atom_site.Cartn_x 
_atom_site.Cartn_y 
_atom_site.Cartn_z 
_atom_site.occupancy 
_atom_site.B_iso_or_equiv 
_atom_site.pdbx_formal_charge 
_atom_site.auth_seq_id 
_atom_site.auth_comp_id 
_atom_site.auth_asym_id 
_atom_site.auth_atom_id 
_atom_site.pdbx_PDB_model_num 
ATOM   1   O  "O5'" . DC  A 1 1  ? 10.598  -7.652  -15.875 0.00 45.41 ? 1   DC  A "O5'" 1 
ATOM   2   C  "C5'" . DC  A 1 1  ? 9.576   -6.690  -16.104 1.00 42.77 ? 1   DC  A "C5'" 1 
ATOM   3   C  "C4'" . DC  A 1 1  ? 8.201   -7.259  -15.833 1.00 40.95 ? 1   DC  A "C4'" 1 
ATOM   4   O  "O4'" . DC  A 1 1  ? 8.262   -8.513  -15.094 1.00 36.03 ? 1   DC  A "O4'" 1 
ATOM   5   C  "C3'" . DC  A 1 1  ? 7.289   -6.341  -15.024 1.00 39.46 ? 1   DC  A "C3'" 1 
ATOM   6   O  "O3'" . DC  A 1 1  ? 5.975   -6.393  -15.576 1.00 48.25 ? 1   DC  A "O3'" 1 
ATOM   7   C  "C2'" . DC  A 1 1  ? 7.285   -6.983  -13.652 1.00 36.39 ? 1   DC  A "C2'" 1 
ATOM   8   C  "C1'" . DC  A 1 1  ? 7.308   -8.448  -14.045 1.00 29.12 ? 1   DC  A "C1'" 1 
ATOM   9   N  N1    . DC  A 1 1  ? 7.730   -9.334  -12.960 1.00 25.42 ? 1   DC  A N1    1 
ATOM   10  C  C2    . DC  A 1 1  ? 6.975   -10.487 -12.691 1.00 27.78 ? 1   DC  A C2    1 
ATOM   11  O  O2    . DC  A 1 1  ? 6.004   -10.751 -13.407 1.00 28.23 ? 1   DC  A O2    1 
ATOM   12  N  N3    . DC  A 1 1  ? 7.327   -11.273 -11.648 1.00 24.47 ? 1   DC  A N3    1 
ATOM   13  C  C4    . DC  A 1 1  ? 8.382   -10.957 -10.900 1.00 37.31 ? 1   DC  A C4    1 
ATOM   14  N  N4    . DC  A 1 1  ? 8.695   -11.759 -9.872  1.00 27.97 ? 1   DC  A N4    1 
ATOM   15  C  C5    . DC  A 1 1  ? 9.170   -9.808  -11.165 1.00 32.10 ? 1   DC  A C5    1 
ATOM   16  C  C6    . DC  A 1 1  ? 8.814   -9.036  -12.197 1.00 26.37 ? 1   DC  A C6    1 
ATOM   17  P  P     . DG  A 1 2  ? 5.091   -5.059  -15.650 1.00 59.19 ? 2   DG  A P     1 
ATOM   18  O  OP1   . DG  A 1 2  ? 5.484   -4.365  -16.899 1.00 66.78 ? 2   DG  A OP1   1 
ATOM   19  O  OP2   . DG  A 1 2  ? 5.192   -4.355  -14.343 1.00 44.22 ? 2   DG  A OP2   1 
ATOM   20  O  "O5'" . DG  A 1 2  ? 3.608   -5.603  -15.807 1.00 46.02 ? 2   DG  A "O5'" 1 
ATOM   21  C  "C5'" . DG  A 1 2  ? 3.368   -6.917  -16.305 1.00 52.24 ? 2   DG  A "C5'" 1 
ATOM   22  C  "C4'" . DG  A 1 2  ? 2.123   -7.496  -15.676 1.00 45.55 ? 2   DG  A "C4'" 1 
ATOM   23  O  "O4'" . DG  A 1 2  ? 2.507   -8.477  -14.694 1.00 34.58 ? 2   DG  A "O4'" 1 
ATOM   24  C  "C3'" . DG  A 1 2  ? 1.221   -6.489  -14.951 1.00 41.56 ? 2   DG  A "C3'" 1 
ATOM   25  O  "O3'" . DG  A 1 2  ? -0.147  -6.808  -15.209 1.00 48.09 ? 2   DG  A "O3'" 1 
ATOM   26  C  "C2'" . DG  A 1 2  ? 1.539   -6.704  -13.483 1.00 32.60 ? 2   DG  A "C2'" 1 
ATOM   27  C  "C1'" . DG  A 1 2  ? 1.919   -8.186  -13.438 1.00 36.52 ? 2   DG  A "C1'" 1 
ATOM   28  N  N9    . DG  A 1 2  ? 2.918   -8.493  -12.421 1.00 30.14 ? 2   DG  A N9    1 
ATOM   29  C  C8    . DG  A 1 2  ? 4.066   -7.780  -12.170 1.00 31.53 ? 2   DG  A C8    1 
ATOM   30  N  N7    . DG  A 1 2  ? 4.766   -8.276  -11.187 1.00 26.31 ? 2   DG  A N7    1 
ATOM   31  C  C5    . DG  A 1 2  ? 4.043   -9.381  -10.773 1.00 23.07 ? 2   DG  A C5    1 
ATOM   32  C  C6    . DG  A 1 2  ? 4.308   -10.311 -9.719  1.00 21.09 ? 2   DG  A C6    1 
ATOM   33  O  O6    . DG  A 1 2  ? 5.274   -10.334 -8.948  1.00 24.11 ? 2   DG  A O6    1 
ATOM   34  N  N1    . DG  A 1 2  ? 3.309   -11.266 -9.615  1.00 21.98 ? 2   DG  A N1    1 
ATOM   35  C  C2    . DG  A 1 2  ? 2.198   -11.333 -10.461 1.00 20.44 ? 2   DG  A C2    1 
ATOM   36  N  N2    . DG  A 1 2  ? 1.325   -12.295 -10.242 1.00 21.61 ? 2   DG  A N2    1 
ATOM   37  N  N3    . DG  A 1 2  ? 1.972   -10.488 -11.441 1.00 23.76 ? 2   DG  A N3    1 
ATOM   38  C  C4    . DG  A 1 2  ? 2.910   -9.537  -11.530 1.00 27.70 ? 2   DG  A C4    1 
ATOM   39  P  P     . DC  A 1 3  ? -1.307  -5.801  -14.737 1.00 44.16 ? 3   DC  A P     1 
ATOM   40  O  OP1   . DC  A 1 3  ? -2.288  -5.724  -15.840 1.00 51.35 ? 3   DC  A OP1   1 
ATOM   41  O  OP2   . DC  A 1 3  ? -0.672  -4.571  -14.214 1.00 47.01 ? 3   DC  A OP2   1 
ATOM   42  O  "O5'" . DC  A 1 3  ? -1.982  -6.568  -13.528 1.00 36.71 ? 3   DC  A "O5'" 1 
ATOM   43  C  "C5'" . DC  A 1 3  ? -2.377  -7.917  -13.677 1.00 30.70 ? 3   DC  A "C5'" 1 
ATOM   44  C  "C4'" . DC  A 1 3  ? -2.619  -8.513  -12.317 1.00 29.30 ? 3   DC  A "C4'" 1 
ATOM   45  O  "O4'" . DC  A 1 3  ? -1.321  -8.634  -11.731 1.00 26.80 ? 3   DC  A "O4'" 1 
ATOM   46  C  "C3'" . DC  A 1 3  ? -3.387  -7.575  -11.380 1.00 39.32 ? 3   DC  A "C3'" 1 
ATOM   47  O  "O3'" . DC  A 1 3  ? -4.749  -7.981  -11.334 1.00 37.12 ? 3   DC  A "O3'" 1 
ATOM   48  C  "C2'" . DC  A 1 3  ? -2.732  -7.790  -10.028 1.00 31.53 ? 3   DC  A "C2'" 1 
ATOM   49  C  "C1'" . DC  A 1 3  ? -1.493  -8.652  -10.334 1.00 34.63 ? 3   DC  A "C1'" 1 
ATOM   50  N  N1    . DC  A 1 3  ? -0.248  -8.164  -9.748  1.00 23.82 ? 3   DC  A N1    1 
ATOM   51  C  C2    . DC  A 1 3  ? 0.323   -8.909  -8.733  1.00 24.59 ? 3   DC  A C2    1 
ATOM   52  O  O2    . DC  A 1 3  ? -0.276  -9.926  -8.337  1.00 23.52 ? 3   DC  A O2    1 
ATOM   53  N  N3    . DC  A 1 3  ? 1.506   -8.515  -8.215  1.00 26.87 ? 3   DC  A N3    1 
ATOM   54  C  C4    . DC  A 1 3  ? 2.106   -7.414  -8.671  1.00 25.99 ? 3   DC  A C4    1 
ATOM   55  N  N4    . DC  A 1 3  ? 3.271   -7.076  -8.145  1.00 25.15 ? 3   DC  A N4    1 
ATOM   56  C  C5    . DC  A 1 3  ? 1.531   -6.615  -9.699  1.00 28.03 ? 3   DC  A C5    1 
ATOM   57  C  C6    . DC  A 1 3  ? 0.356   -7.025  -10.202 1.00 21.16 ? 3   DC  A C6    1 
ATOM   58  P  P     . DG  A 1 4  ? -5.815  -7.103  -10.513 1.00 37.52 ? 4   DG  A P     1 
ATOM   59  O  OP1   . DG  A 1 4  ? -7.143  -7.420  -11.084 1.00 49.18 ? 4   DG  A OP1   1 
ATOM   60  O  OP2   . DG  A 1 4  ? -5.358  -5.703  -10.390 1.00 36.95 ? 4   DG  A OP2   1 
ATOM   61  O  "O5'" . DG  A 1 4  ? -5.794  -7.726  -9.057  1.00 32.91 ? 4   DG  A "O5'" 1 
ATOM   62  C  "C5'" . DG  A 1 4  ? -6.191  -9.074  -8.843  1.00 26.21 ? 4   DG  A "C5'" 1 
ATOM   63  C  "C4'" . DG  A 1 4  ? -6.071  -9.401  -7.380  1.00 36.48 ? 4   DG  A "C4'" 1 
ATOM   64  O  "O4'" . DG  A 1 4  ? -4.693  -9.222  -6.958  1.00 31.54 ? 4   DG  A "O4'" 1 
ATOM   65  C  "C3'" . DG  A 1 4  ? -6.911  -8.461  -6.521  1.00 36.11 ? 4   DG  A "C3'" 1 
ATOM   66  O  "O3'" . DG  A 1 4  ? -7.540  -9.239  -5.518  1.00 35.84 ? 4   DG  A "O3'" 1 
ATOM   67  C  "C2'" . DG  A 1 4  ? -5.902  -7.483  -5.937  1.00 37.03 ? 4   DG  A "C2'" 1 
ATOM   68  C  "C1'" . DG  A 1 4  ? -4.601  -8.282  -5.907  1.00 30.28 ? 4   DG  A "C1'" 1 
ATOM   69  N  N9    . DG  A 1 4  ? -3.396  -7.505  -6.157  1.00 29.18 ? 4   DG  A N9    1 
ATOM   70  C  C8    . DG  A 1 4  ? -3.215  -6.460  -7.043  1.00 25.33 ? 4   DG  A C8    1 
ATOM   71  N  N7    . DG  A 1 4  ? -1.993  -5.992  -7.040  1.00 25.52 ? 4   DG  A N7    1 
ATOM   72  C  C5    . DG  A 1 4  ? -1.326  -6.774  -6.087  1.00 26.36 ? 4   DG  A C5    1 
ATOM   73  C  C6    . DG  A 1 4  ? 0.046   -6.748  -5.621  1.00 23.69 ? 4   DG  A C6    1 
ATOM   74  O  O6    . DG  A 1 4  ? 0.990   -6.021  -5.987  1.00 25.16 ? 4   DG  A O6    1 
ATOM   75  N  N1    . DG  A 1 4  ? 0.264   -7.704  -4.641  1.00 23.63 ? 4   DG  A N1    1 
ATOM   76  C  C2    . DG  A 1 4  ? -0.666  -8.579  -4.159  1.00 18.68 ? 4   DG  A C2    1 
ATOM   77  N  N2    . DG  A 1 4  ? -0.263  -9.389  -3.164  1.00 24.13 ? 4   DG  A N2    1 
ATOM   78  N  N3    . DG  A 1 4  ? -1.923  -8.650  -4.597  1.00 25.81 ? 4   DG  A N3    1 
ATOM   79  C  C4    . DG  A 1 4  ? -2.181  -7.712  -5.544  1.00 22.26 ? 4   DG  A C4    1 
ATOM   80  P  P     . DA  A 1 5  ? -8.420  -8.518  -4.389  1.00 45.81 ? 5   DA  A P     1 
ATOM   81  O  OP1   . DA  A 1 5  ? -9.523  -9.450  -4.029  1.00 53.30 ? 5   DA  A OP1   1 
ATOM   82  O  OP2   . DA  A 1 5  ? -8.714  -7.132  -4.818  1.00 41.56 ? 5   DA  A OP2   1 
ATOM   83  O  "O5'" . DA  A 1 5  ? -7.440  -8.466  -3.137  1.00 41.07 ? 5   DA  A "O5'" 1 
ATOM   84  C  "C5'" . DA  A 1 5  ? -6.697  -9.620  -2.762  1.00 41.78 ? 5   DA  A "C5'" 1 
ATOM   85  C  "C4'" . DA  A 1 5  ? -5.697  -9.270  -1.691  1.00 40.39 ? 5   DA  A "C4'" 1 
ATOM   86  O  "O4'" . DA  A 1 5  ? -4.603  -8.519  -2.255  1.00 33.13 ? 5   DA  A "O4'" 1 
ATOM   87  C  "C3'" . DA  A 1 5  ? -6.264  -8.415  -0.552  1.00 42.66 ? 5   DA  A "C3'" 1 
ATOM   88  O  "O3'" . DA  A 1 5  ? -5.862  -9.009  0.683   1.00 46.29 ? 5   DA  A "O3'" 1 
ATOM   89  C  "C2'" . DA  A 1 5  ? -5.618  -7.052  -0.759  1.00 34.89 ? 5   DA  A "C2'" 1 
ATOM   90  C  "C1'" . DA  A 1 5  ? -4.294  -7.435  -1.405  1.00 30.24 ? 5   DA  A "C1'" 1 
ATOM   91  N  N9    . DA  A 1 5  ? -3.676  -6.404  -2.230  1.00 26.80 ? 5   DA  A N9    1 
ATOM   92  C  C8    . DA  A 1 5  ? -4.262  -5.631  -3.191  1.00 24.74 ? 5   DA  A C8    1 
ATOM   93  N  N7    . DA  A 1 5  ? -3.449  -4.796  -3.769  1.00 26.30 ? 5   DA  A N7    1 
ATOM   94  C  C5    . DA  A 1 5  ? -2.226  -5.046  -3.154  1.00 24.86 ? 5   DA  A C5    1 
ATOM   95  C  C6    . DA  A 1 5  ? -0.950  -4.494  -3.347  1.00 24.53 ? 5   DA  A C6    1 
ATOM   96  N  N6    . DA  A 1 5  ? -0.689  -3.525  -4.235  1.00 26.76 ? 5   DA  A N6    1 
ATOM   97  N  N1    . DA  A 1 5  ? 0.061   -4.971  -2.581  1.00 23.66 ? 5   DA  A N1    1 
ATOM   98  C  C2    . DA  A 1 5  ? -0.220  -5.932  -1.677  1.00 23.04 ? 5   DA  A C2    1 
ATOM   99  N  N3    . DA  A 1 5  ? -1.387  -6.530  -1.410  1.00 23.35 ? 5   DA  A N3    1 
ATOM   100 C  C4    . DA  A 1 5  ? -2.355  -6.030  -2.201  1.00 24.13 ? 5   DA  A C4    1 
ATOM   101 P  P     . DA  A 1 6  ? -6.313  -8.359  2.079   1.00 44.57 ? 6   DA  A P     1 
ATOM   102 O  OP1   . DA  A 1 6  ? -6.924  -9.463  2.854   1.00 56.08 ? 6   DA  A OP1   1 
ATOM   103 O  OP2   . DA  A 1 6  ? -7.084  -7.119  1.826   1.00 53.89 ? 6   DA  A OP2   1 
ATOM   104 O  "O5'" . DA  A 1 6  ? -4.920  -7.997  2.753   1.00 36.67 ? 6   DA  A "O5'" 1 
ATOM   105 C  "C5'" . DA  A 1 6  ? -3.878  -8.978  2.830   1.00 31.14 ? 6   DA  A "C5'" 1 
ATOM   106 C  "C4'" . DA  A 1 6  ? -2.579  -8.342  3.282   1.00 36.99 ? 6   DA  A "C4'" 1 
ATOM   107 O  "O4'" . DA  A 1 6  ? -2.084  -7.426  2.277   1.00 27.45 ? 6   DA  A "O4'" 1 
ATOM   108 C  "C3'" . DA  A 1 6  ? -2.677  -7.541  4.581   1.00 28.51 ? 6   DA  A "C3'" 1 
ATOM   109 O  "O3'" . DA  A 1 6  ? -1.573  -7.918  5.393   1.00 34.62 ? 6   DA  A "O3'" 1 
ATOM   110 C  "C2'" . DA  A 1 6  ? -2.587  -6.094  4.136   1.00 27.45 ? 6   DA  A "C2'" 1 
ATOM   111 C  "C1'" . DA  A 1 6  ? -1.779  -6.164  2.850   1.00 27.58 ? 6   DA  A "C1'" 1 
ATOM   112 N  N9    . DA  A 1 6  ? -2.142  -5.164  1.850   1.00 24.75 ? 6   DA  A N9    1 
ATOM   113 C  C8    . DA  A 1 6  ? -3.382  -4.935  1.349   1.00 20.01 ? 6   DA  A C8    1 
ATOM   114 N  N7    . DA  A 1 6  ? -3.427  -4.021  0.424   1.00 23.14 ? 6   DA  A N7    1 
ATOM   115 C  C5    . DA  A 1 6  ? -2.118  -3.596  0.320   1.00 20.28 ? 6   DA  A C5    1 
ATOM   116 C  C6    . DA  A 1 6  ? -1.519  -2.631  -0.500  1.00 20.66 ? 6   DA  A C6    1 
ATOM   117 N  N6    . DA  A 1 6  ? -2.210  -1.923  -1.385  1.00 20.62 ? 6   DA  A N6    1 
ATOM   118 N  N1    . DA  A 1 6  ? -0.186  -2.431  -0.377  1.00 21.51 ? 6   DA  A N1    1 
ATOM   119 C  C2    . DA  A 1 6  ? 0.480   -3.166  0.526   1.00 21.94 ? 6   DA  A C2    1 
ATOM   120 N  N3    . DA  A 1 6  ? 0.013   -4.122  1.358   1.00 23.64 ? 6   DA  A N3    1 
ATOM   121 C  C4    . DA  A 1 6  ? -1.311  -4.284  1.194   1.00 21.91 ? 6   DA  A C4    1 
HETATM 122 P  P     . ZDU A 1 7  ? -1.416  -7.317  6.866   1.00 31.83 ? 7   ZDU A P     1 
HETATM 123 O  OP1   . ZDU A 1 7  ? -0.683  -8.336  7.637   1.00 29.82 ? 7   ZDU A OP1   1 
HETATM 124 O  OP2   . ZDU A 1 7  ? -2.694  -6.816  7.320   1.00 31.50 ? 7   ZDU A OP2   1 
HETATM 125 O  "O5'" . ZDU A 1 7  ? -0.461  -6.063  6.634   1.00 27.23 ? 7   ZDU A "O5'" 1 
HETATM 126 N  N1    . ZDU A 1 7  ? -0.359  -2.146  4.126   1.00 24.62 ? 7   ZDU A N1    1 
HETATM 127 C  C6    . ZDU A 1 7  ? -1.678  -2.512  4.305   1.00 24.43 ? 7   ZDU A C6    1 
HETATM 128 C  C2    . ZDU A 1 7  ? -0.002  -1.190  3.189   1.00 26.09 ? 7   ZDU A C2    1 
HETATM 129 O  O2    . ZDU A 1 7  ? 1.147   -0.811  3.040   1.00 23.32 ? 7   ZDU A O2    1 
HETATM 130 N  N3    . ZDU A 1 7  ? -1.059  -0.689  2.444   1.00 19.68 ? 7   ZDU A N3    1 
HETATM 131 C  C4    . ZDU A 1 7  ? -2.420  -1.047  2.556   1.00 23.87 ? 7   ZDU A C4    1 
HETATM 132 O  O4    . ZDU A 1 7  ? -3.270  -0.526  1.802   1.00 23.83 ? 7   ZDU A O4    1 
HETATM 133 C  C5    . ZDU A 1 7  ? -2.706  -2.036  3.589   1.00 23.42 ? 7   ZDU A C5    1 
HETATM 134 C  C5A   . ZDU A 1 7  ? -4.127  -2.489  3.837   1.00 28.60 ? 7   ZDU A C5A   1 
HETATM 135 C  C5B   . ZDU A 1 7  ? -4.982  -1.415  4.546   1.00 28.02 ? 7   ZDU A C5B   1 
HETATM 136 C  C5G   . ZDU A 1 7  ? -6.434  -1.808  4.536   1.00 36.59 ? 7   ZDU A C5G   1 
HETATM 137 N  N5D   . ZDU A 1 7  ? -7.277  -0.950  5.437   1.00 41.35 ? 7   ZDU A N5D   1 
HETATM 138 C  "C2'" . ZDU A 1 7  ? 0.729   -2.654  6.425   1.00 29.73 ? 7   ZDU A "C2'" 1 
HETATM 139 C  "C5'" . ZDU A 1 7  ? 0.798   -6.228  6.015   1.00 29.01 ? 7   ZDU A "C5'" 1 
HETATM 140 C  "C4'" . ZDU A 1 7  ? 1.394   -4.875  5.696   1.00 29.62 ? 7   ZDU A "C4'" 1 
HETATM 141 O  "O4'" . ZDU A 1 7  ? 0.581   -4.219  4.703   1.00 23.46 ? 7   ZDU A "O4'" 1 
HETATM 142 C  "C1'" . ZDU A 1 7  ? 0.711   -2.824  4.905   1.00 22.33 ? 7   ZDU A "C1'" 1 
HETATM 143 C  "C3'" . ZDU A 1 7  ? 1.453   -3.919  6.889   1.00 32.76 ? 7   ZDU A "C3'" 1 
HETATM 144 O  "O3'" . ZDU A 1 7  ? 2.816   -3.658  7.237   1.00 31.61 ? 7   ZDU A "O3'" 1 
HETATM 145 P  P     . ZDU A 1 8  ? 3.150   -2.743  8.520   1.00 36.09 ? 8   ZDU A P     1 
HETATM 146 O  OP1   . ZDU A 1 8  ? 4.349   -3.330  9.154   1.00 50.19 ? 8   ZDU A OP1   1 
HETATM 147 O  OP2   . ZDU A 1 8  ? 1.961   -2.421  9.337   1.00 35.45 ? 8   ZDU A OP2   1 
HETATM 148 O  "O5'" . ZDU A 1 8  ? 3.560   -1.348  7.874   1.00 32.01 ? 8   ZDU A "O5'" 1 
HETATM 149 N  N1    . ZDU A 1 8  ? 1.419   1.752   5.372   1.00 22.21 ? 8   ZDU A N1    1 
HETATM 150 C  C6    . ZDU A 1 8  ? 0.547   1.065   6.187   1.00 25.68 ? 8   ZDU A C6    1 
HETATM 151 C  C2    . ZDU A 1 8  ? 0.969   2.502   4.288   1.00 24.06 ? 8   ZDU A C2    1 
HETATM 152 O  O2    . ZDU A 1 8  ? 1.688   3.159   3.587   1.00 23.18 ? 8   ZDU A O2    1 
HETATM 153 N  N3    . ZDU A 1 8  ? -0.379  2.457   4.086   1.00 20.65 ? 8   ZDU A N3    1 
HETATM 154 C  C4    . ZDU A 1 8  ? -1.315  1.745   4.874   1.00 22.41 ? 8   ZDU A C4    1 
HETATM 155 O  O4    . ZDU A 1 8  ? -2.500  1.760   4.583   1.00 23.71 ? 8   ZDU A O4    1 
HETATM 156 C  C5    . ZDU A 1 8  ? -0.771  1.025   5.989   1.00 22.39 ? 8   ZDU A C5    1 
HETATM 157 C  C5A   . ZDU A 1 8  ? -1.713  0.268   6.917   1.00 27.56 ? 8   ZDU A C5A   1 
HETATM 158 C  C5B   . ZDU A 1 8  ? -2.298  1.211   7.989   1.00 33.13 ? 8   ZDU A C5B   1 
HETATM 159 C  C5G   . ZDU A 1 8  ? -3.457  0.565   8.716   1.00 39.47 ? 8   ZDU A C5G   1 
HETATM 160 N  N5D   . ZDU A 1 8  ? -4.442  1.570   9.261   1.00 46.09 ? 8   ZDU A N5D   1 
HETATM 161 C  "C2'" . ZDU A 1 8  ? 3.397   2.079   6.975   1.00 27.70 ? 8   ZDU A "C2'" 1 
HETATM 162 C  "C5'" . ZDU A 1 8  ? 4.409   -1.327  6.737   1.00 29.23 ? 8   ZDU A "C5'" 1 
HETATM 163 C  "C4'" . ZDU A 1 8  ? 4.446   0.061   6.152   1.00 26.55 ? 8   ZDU A "C4'" 1 
HETATM 164 O  "O4'" . ZDU A 1 8  ? 3.192   0.284   5.481   1.00 29.51 ? 8   ZDU A "O4'" 1 
HETATM 165 C  "C1'" . ZDU A 1 8  ? 2.870   1.645   5.604   1.00 27.00 ? 8   ZDU A "C1'" 1 
HETATM 166 C  "C3'" . ZDU A 1 8  ? 4.624   1.196   7.169   1.00 29.44 ? 8   ZDU A "C3'" 1 
HETATM 167 O  "O3'" . ZDU A 1 8  ? 5.852   1.845   6.826   1.00 32.93 ? 8   ZDU A "O3'" 1 
ATOM   168 P  P     . DC  A 1 9  ? 6.229   3.289   7.436   1.00 34.20 ? 9   DC  A P     1 
ATOM   169 O  OP1   . DC  A 1 9  ? 7.708   3.329   7.431   1.00 35.25 ? 9   DC  A OP1   1 
ATOM   170 O  OP2   . DC  A 1 9  ? 5.469   3.606   8.667   1.00 32.79 ? 9   DC  A OP2   1 
ATOM   171 O  "O5'" . DC  A 1 9  ? 5.739   4.337   6.355   1.00 30.83 ? 9   DC  A "O5'" 1 
ATOM   172 C  "C5'" . DC  A 1 9  ? 6.079   4.187   4.990   1.00 28.61 ? 9   DC  A "C5'" 1 
ATOM   173 C  "C4'" . DC  A 1 9  ? 5.457   5.309   4.195   1.00 28.56 ? 9   DC  A "C4'" 1 
ATOM   174 O  "O4'" . DC  A 1 9  ? 4.015   5.204   4.217   1.00 23.91 ? 9   DC  A "O4'" 1 
ATOM   175 C  "C3'" . DC  A 1 9  ? 5.788   6.700   4.741   1.00 28.59 ? 9   DC  A "C3'" 1 
ATOM   176 O  "O3'" . DC  A 1 9  ? 6.205   7.458   3.624   1.00 29.85 ? 9   DC  A "O3'" 1 
ATOM   177 C  "C2'" . DC  A 1 9  ? 4.466   7.207   5.310   1.00 31.97 ? 9   DC  A "C2'" 1 
ATOM   178 C  "C1'" . DC  A 1 9  ? 3.430   6.460   4.491   1.00 23.68 ? 9   DC  A "C1'" 1 
ATOM   179 N  N1    . DC  A 1 9  ? 2.136   6.161   5.151   1.00 19.87 ? 9   DC  A N1    1 
ATOM   180 C  C2    . DC  A 1 9  ? 0.933   6.517   4.509   1.00 24.03 ? 9   DC  A C2    1 
ATOM   181 O  O2    . DC  A 1 9  ? 0.962   7.187   3.488   1.00 23.91 ? 9   DC  A O2    1 
ATOM   182 N  N3    . DC  A 1 9  ? -0.237  6.106   5.026   1.00 23.05 ? 9   DC  A N3    1 
ATOM   183 C  C4    . DC  A 1 9  ? -0.260  5.383   6.139   1.00 24.50 ? 9   DC  A C4    1 
ATOM   184 N  N4    . DC  A 1 9  ? -1.466  4.987   6.566   1.00 19.53 ? 9   DC  A N4    1 
ATOM   185 C  C5    . DC  A 1 9  ? 0.939   5.032   6.844   1.00 27.67 ? 9   DC  A C5    1 
ATOM   186 C  C6    . DC  A 1 9  ? 2.102   5.457   6.330   1.00 23.17 ? 9   DC  A C6    1 
ATOM   187 P  P     . DG  A 1 10 ? 6.985   8.850   3.830   1.00 33.43 ? 10  DG  A P     1 
ATOM   188 O  OP1   . DG  A 1 10 ? 7.763   9.006   2.590   1.00 35.52 ? 10  DG  A OP1   1 
ATOM   189 O  OP2   . DG  A 1 10 ? 7.648   8.829   5.158   1.00 35.04 ? 10  DG  A OP2   1 
ATOM   190 O  "O5'" . DG  A 1 10 ? 5.832   9.958   3.878   1.00 29.82 ? 10  DG  A "O5'" 1 
ATOM   191 C  "C5'" . DG  A 1 10 ? 5.053   10.263  2.720   1.00 25.67 ? 10  DG  A "C5'" 1 
ATOM   192 C  "C4'" . DG  A 1 10 ? 3.847   11.074  3.132   1.00 28.15 ? 10  DG  A "C4'" 1 
ATOM   193 O  "O4'" . DG  A 1 10 ? 2.942   10.245  3.901   1.00 29.25 ? 10  DG  A "O4'" 1 
ATOM   194 C  "C3'" . DG  A 1 10 ? 4.181   12.266  4.038   1.00 23.51 ? 10  DG  A "C3'" 1 
ATOM   195 O  "O3'" . DG  A 1 10 ? 3.328   13.349  3.682   1.00 33.37 ? 10  DG  A "O3'" 1 
ATOM   196 C  "C2'" . DG  A 1 10 ? 3.808   11.756  5.424   1.00 30.38 ? 10  DG  A "C2'" 1 
ATOM   197 C  "C1'" . DG  A 1 10 ? 2.546   11.015  5.021   1.00 31.35 ? 10  DG  A "C1'" 1 
ATOM   198 N  N9    . DG  A 1 10 ? 1.857   10.146  5.970   1.00 24.82 ? 10  DG  A N9    1 
ATOM   199 C  C8    . DG  A 1 10 ? 2.360   9.480   7.066   1.00 25.43 ? 10  DG  A C8    1 
ATOM   200 N  N7    . DG  A 1 10 ? 1.439   8.804   7.721   1.00 26.49 ? 10  DG  A N7    1 
ATOM   201 C  C5    . DG  A 1 10 ? 0.266   9.037   7.004   1.00 25.44 ? 10  DG  A C5    1 
ATOM   202 C  C6    . DG  A 1 10 ? -1.080  8.569   7.215   1.00 22.11 ? 10  DG  A C6    1 
ATOM   203 O  O6    . DG  A 1 10 ? -1.517  7.825   8.092   1.00 26.84 ? 10  DG  A O6    1 
ATOM   204 N  N1    . DG  A 1 10 ? -1.955  9.075   6.249   1.00 24.00 ? 10  DG  A N1    1 
ATOM   205 C  C2    . DG  A 1 10 ? -1.593  9.888   5.216   1.00 24.08 ? 10  DG  A C2    1 
ATOM   206 N  N2    . DG  A 1 10 ? -2.571  10.272  4.392   1.00 20.40 ? 10  DG  A N2    1 
ATOM   207 N  N3    . DG  A 1 10 ? -0.357  10.309  4.998   1.00 27.41 ? 10  DG  A N3    1 
ATOM   208 C  C4    . DG  A 1 10 ? 0.511   9.853   5.922   1.00 25.72 ? 10  DG  A C4    1 
ATOM   209 P  P     . DC  A 1 11 ? 3.898   14.582  2.788   1.00 36.32 ? 11  DC  A P     1 
ATOM   210 O  OP1   . DC  A 1 11 ? 4.834   14.059  1.763   1.00 39.18 ? 11  DC  A OP1   1 
ATOM   211 O  OP2   . DC  A 1 11 ? 4.321   15.664  3.726   1.00 32.49 ? 11  DC  A OP2   1 
ATOM   212 O  "O5'" . DC  A 1 11 ? 2.587   15.099  2.050   1.00 33.88 ? 11  DC  A "O5'" 1 
ATOM   213 C  "C5'" . DC  A 1 11 ? 1.970   14.316  1.026   1.00 38.32 ? 11  DC  A "C5'" 1 
ATOM   214 C  "C4'" . DC  A 1 11 ? 0.487   14.614  0.954   1.00 33.61 ? 11  DC  A "C4'" 1 
ATOM   215 O  "O4'" . DC  A 1 11 ? -0.236  13.952  2.022   1.00 28.67 ? 11  DC  A "O4'" 1 
ATOM   216 C  "C3'" . DC  A 1 11 ? 0.131   16.091  1.074   1.00 27.37 ? 11  DC  A "C3'" 1 
ATOM   217 O  "O3'" . DC  A 1 11 ? -0.979  16.304  0.197   1.00 27.25 ? 11  DC  A "O3'" 1 
ATOM   218 C  "C2'" . DC  A 1 11 ? -0.206  16.232  2.558   1.00 27.13 ? 11  DC  A "C2'" 1 
ATOM   219 C  "C1'" . DC  A 1 11 ? -0.890  14.898  2.874   1.00 26.26 ? 11  DC  A "C1'" 1 
ATOM   220 N  N1    . DC  A 1 11 ? -0.775  14.387  4.256   1.00 23.87 ? 11  DC  A N1    1 
ATOM   221 C  C2    . DC  A 1 11 ? -1.885  13.724  4.845   1.00 28.65 ? 11  DC  A C2    1 
ATOM   222 O  O2    . DC  A 1 11 ? -2.966  13.666  4.234   1.00 25.50 ? 11  DC  A O2    1 
ATOM   223 N  N3    . DC  A 1 11 ? -1.742  13.161  6.059   1.00 22.48 ? 11  DC  A N3    1 
ATOM   224 C  C4    . DC  A 1 11 ? -0.568  13.230  6.701   1.00 28.96 ? 11  DC  A C4    1 
ATOM   225 N  N4    . DC  A 1 11 ? -0.484  12.630  7.883   1.00 28.59 ? 11  DC  A N4    1 
ATOM   226 C  C5    . DC  A 1 11 ? 0.561   13.907  6.145   1.00 26.35 ? 11  DC  A C5    1 
ATOM   227 C  C6    . DC  A 1 11 ? 0.409   14.476  4.941   1.00 30.25 ? 11  DC  A C6    1 
ATOM   228 P  P     . DG  A 1 12 ? -1.363  17.789  -0.297  1.00 35.07 ? 12  DG  A P     1 
ATOM   229 O  OP1   . DG  A 1 12 ? -2.235  17.586  -1.490  1.00 32.67 ? 12  DG  A OP1   1 
ATOM   230 O  OP2   . DG  A 1 12 ? -0.159  18.637  -0.392  1.00 46.20 ? 12  DG  A OP2   1 
ATOM   231 O  "O5'" . DG  A 1 12 ? -2.260  18.340  0.877   1.00 31.85 ? 12  DG  A "O5'" 1 
ATOM   232 C  "C5'" . DG  A 1 12 ? -3.620  17.882  1.002   1.00 28.03 ? 12  DG  A "C5'" 1 
ATOM   233 C  "C4'" . DG  A 1 12 ? -4.191  18.291  2.339   1.00 25.64 ? 12  DG  A "C4'" 1 
ATOM   234 O  "O4'" . DG  A 1 12 ? -3.624  17.491  3.384   1.00 25.20 ? 12  DG  A "O4'" 1 
ATOM   235 C  "C3'" . DG  A 1 12 ? -3.883  19.735  2.744   1.00 27.26 ? 12  DG  A "C3'" 1 
ATOM   236 O  "O3'" . DG  A 1 12 ? -4.974  20.501  2.224   1.00 29.31 ? 12  DG  A "O3'" 1 
ATOM   237 C  "C2'" . DG  A 1 12 ? -3.793  19.673  4.261   1.00 24.00 ? 12  DG  A "C2'" 1 
ATOM   238 C  "C1'" . DG  A 1 12 ? -3.870  18.175  4.586   1.00 22.70 ? 12  DG  A "C1'" 1 
ATOM   239 N  N9    . DG  A 1 12 ? -2.922  17.696  5.576   1.00 28.54 ? 12  DG  A N9    1 
ATOM   240 C  C8    . DG  A 1 12 ? -1.597  18.043  5.684   1.00 26.84 ? 12  DG  A C8    1 
ATOM   241 N  N7    . DG  A 1 12 ? -0.989  17.441  6.669   1.00 27.50 ? 12  DG  A N7    1 
ATOM   242 C  C5    . DG  A 1 12 ? -1.962  16.663  7.264   1.00 34.36 ? 12  DG  A C5    1 
ATOM   243 C  C6    . DG  A 1 12 ? -1.870  15.796  8.387   1.00 29.27 ? 12  DG  A C6    1 
ATOM   244 O  O6    . DG  A 1 12 ? -0.874  15.556  9.094   1.00 35.10 ? 12  DG  A O6    1 
ATOM   245 N  N1    . DG  A 1 12 ? -3.084  15.181  8.665   1.00 27.20 ? 12  DG  A N1    1 
ATOM   246 C  C2    . DG  A 1 12 ? -4.250  15.379  7.954   1.00 24.57 ? 12  DG  A C2    1 
ATOM   247 N  N2    . DG  A 1 12 ? -5.320  14.723  8.426   1.00 21.21 ? 12  DG  A N2    1 
ATOM   248 N  N3    . DG  A 1 12 ? -4.348  16.181  6.878   1.00 27.67 ? 12  DG  A N3    1 
ATOM   249 C  C4    . DG  A 1 12 ? -3.171  16.792  6.602   1.00 26.73 ? 12  DG  A C4    1 
ATOM   250 O  "O5'" . DC  B 1 1  ? -5.398  11.281  16.849  0.00 54.19 ? 13  DC  B "O5'" 1 
ATOM   251 C  "C5'" . DC  B 1 1  ? -6.509  12.085  16.445  1.00 50.75 ? 13  DC  B "C5'" 1 
ATOM   252 C  "C4'" . DC  B 1 1  ? -6.798  11.957  14.967  1.00 54.68 ? 13  DC  B "C4'" 1 
ATOM   253 O  "O4'" . DC  B 1 1  ? -5.830  12.737  14.220  1.00 39.71 ? 13  DC  B "O4'" 1 
ATOM   254 C  "C3'" . DC  B 1 1  ? -6.699  10.533  14.406  1.00 57.14 ? 13  DC  B "C3'" 1 
ATOM   255 O  "O3'" . DC  B 1 1  ? -7.714  10.329  13.425  1.00 62.57 ? 13  DC  B "O3'" 1 
ATOM   256 C  "C2'" . DC  B 1 1  ? -5.360  10.531  13.700  1.00 56.26 ? 13  DC  B "C2'" 1 
ATOM   257 C  "C1'" . DC  B 1 1  ? -5.372  11.940  13.151  1.00 45.78 ? 13  DC  B "C1'" 1 
ATOM   258 N  N1    . DC  B 1 1  ? -4.082  12.463  12.675  1.00 39.69 ? 13  DC  B N1    1 
ATOM   259 C  C2    . DC  B 1 1  ? -4.073  13.226  11.497  1.00 33.99 ? 13  DC  B C2    1 
ATOM   260 O  O2    . DC  B 1 1  ? -5.150  13.436  10.915  1.00 39.50 ? 13  DC  B O2    1 
ATOM   261 N  N3    . DC  B 1 1  ? -2.906  13.697  11.024  1.00 34.69 ? 13  DC  B N3    1 
ATOM   262 C  C4    . DC  B 1 1  ? -1.772  13.442  11.674  1.00 42.33 ? 13  DC  B C4    1 
ATOM   263 N  N4    . DC  B 1 1  ? -0.638  13.937  11.164  1.00 45.43 ? 13  DC  B N4    1 
ATOM   264 C  C5    . DC  B 1 1  ? -1.749  12.677  12.878  1.00 52.70 ? 13  DC  B C5    1 
ATOM   265 C  C6    . DC  B 1 1  ? -2.919  12.212  13.339  1.00 45.85 ? 13  DC  B C6    1 
ATOM   266 P  P     . DG  B 1 2  ? -8.804  9.168   13.640  1.00 71.38 ? 14  DG  B P     1 
ATOM   267 O  OP1   . DG  B 1 2  ? -9.500  9.440   14.921  1.00 68.89 ? 14  DG  B OP1   1 
ATOM   268 O  OP2   . DG  B 1 2  ? -8.123  7.862   13.433  1.00 53.19 ? 14  DG  B OP2   1 
ATOM   269 O  "O5'" . DG  B 1 2  ? -9.844  9.348   12.447  1.00 62.87 ? 14  DG  B "O5'" 1 
ATOM   270 C  "C5'" . DG  B 1 2  ? -10.240 10.631  11.984  1.00 43.30 ? 14  DG  B "C5'" 1 
ATOM   271 C  "C4'" . DG  B 1 2  ? -10.272 10.638  10.475  1.00 44.73 ? 14  DG  B "C4'" 1 
ATOM   272 O  "O4'" . DG  B 1 2  ? -8.986  11.104  10.027  1.00 36.41 ? 14  DG  B "O4'" 1 
ATOM   273 C  "C3'" . DG  B 1 2  ? -10.484 9.265   9.829   1.00 33.22 ? 14  DG  B "C3'" 1 
ATOM   274 O  "O3'" . DG  B 1 2  ? -11.505 9.312   8.845   1.00 39.48 ? 14  DG  B "O3'" 1 
ATOM   275 C  "C2'" . DG  B 1 2  ? -9.154  8.923   9.173   1.00 35.13 ? 14  DG  B "C2'" 1 
ATOM   276 C  "C1'" . DG  B 1 2  ? -8.477  10.276  9.008   1.00 40.78 ? 14  DG  B "C1'" 1 
ATOM   277 N  N9    . DG  B 1 2  ? -7.037  10.231  9.189   1.00 32.29 ? 14  DG  B N9    1 
ATOM   278 C  C8    . DG  B 1 2  ? -6.349  9.540   10.155  1.00 37.66 ? 14  DG  B C8    1 
ATOM   279 N  N7    . DG  B 1 2  ? -5.056  9.682   10.068  1.00 28.07 ? 14  DG  B N7    1 
ATOM   280 C  C5    . DG  B 1 2  ? -4.879  10.533  8.988   1.00 34.17 ? 14  DG  B C5    1 
ATOM   281 C  C6    . DG  B 1 2  ? -3.702  11.041  8.422   1.00 26.00 ? 14  DG  B C6    1 
ATOM   282 O  O6    . DG  B 1 2  ? -2.544  10.894  8.815   1.00 25.73 ? 14  DG  B O6    1 
ATOM   283 N  N1    . DG  B 1 2  ? -3.971  11.818  7.293   1.00 21.32 ? 14  DG  B N1    1 
ATOM   284 C  C2    . DG  B 1 2  ? -5.238  12.097  6.790   1.00 22.04 ? 14  DG  B C2    1 
ATOM   285 N  N2    . DG  B 1 2  ? -5.315  12.851  5.657   1.00 22.46 ? 14  DG  B N2    1 
ATOM   286 N  N3    . DG  B 1 2  ? -6.343  11.655  7.349   1.00 25.40 ? 14  DG  B N3    1 
ATOM   287 C  C4    . DG  B 1 2  ? -6.093  10.877  8.426   1.00 35.05 ? 14  DG  B C4    1 
ATOM   288 P  P     . DC  B 1 3  ? -11.856 7.976   8.007   1.00 38.89 ? 15  DC  B P     1 
ATOM   289 O  OP1   . DC  B 1 3  ? -13.309 7.982   7.800   1.00 44.63 ? 15  DC  B OP1   1 
ATOM   290 O  OP2   . DC  B 1 3  ? -11.210 6.810   8.655   1.00 41.55 ? 15  DC  B OP2   1 
ATOM   291 O  "O5'" . DC  B 1 3  ? -11.178 8.205   6.579   1.00 35.96 ? 15  DC  B "O5'" 1 
ATOM   292 C  "C5'" . DC  B 1 3  ? -11.272 9.466   5.907   1.00 33.83 ? 15  DC  B "C5'" 1 
ATOM   293 C  "C4'" . DC  B 1 3  ? -10.096 9.643   4.969   1.00 22.55 ? 15  DC  B "C4'" 1 
ATOM   294 O  "O4'" . DC  B 1 3  ? -8.889  9.650   5.739   1.00 22.54 ? 15  DC  B "O4'" 1 
ATOM   295 C  "C3'" . DC  B 1 3  ? -9.927  8.482   4.000   1.00 22.66 ? 15  DC  B "C3'" 1 
ATOM   296 O  "O3'" . DC  B 1 3  ? -10.630 8.805   2.825   1.00 30.95 ? 15  DC  B "O3'" 1 
ATOM   297 C  "C2'" . DC  B 1 3  ? -8.434  8.450   3.733   1.00 32.63 ? 15  DC  B "C2'" 1 
ATOM   298 C  "C1'" . DC  B 1 3  ? -7.828  9.225   4.893   1.00 29.80 ? 15  DC  B "C1'" 1 
ATOM   299 N  N1    . DC  B 1 3  ? -6.887  8.473   5.715   1.00 28.67 ? 15  DC  B N1    1 
ATOM   300 C  C2    . DC  B 1 3  ? -5.533  8.755   5.581   1.00 22.06 ? 15  DC  B C2    1 
ATOM   301 O  O2    . DC  B 1 3  ? -5.190  9.558   4.728   1.00 23.44 ? 15  DC  B O2    1 
ATOM   302 N  N3    . DC  B 1 3  ? -4.642  8.140   6.401   1.00 23.64 ? 15  DC  B N3    1 
ATOM   303 C  C4    . DC  B 1 3  ? -5.068  7.261   7.306   1.00 34.19 ? 15  DC  B C4    1 
ATOM   304 N  N4    . DC  B 1 3  ? -4.151  6.684   8.089   1.00 29.23 ? 15  DC  B N4    1 
ATOM   305 C  C5    . DC  B 1 3  ? -6.448  6.932   7.442   1.00 33.79 ? 15  DC  B C5    1 
ATOM   306 C  C6    . DC  B 1 3  ? -7.313  7.552   6.623   1.00 27.33 ? 15  DC  B C6    1 
ATOM   307 P  P     . DG  B 1 4  ? -10.672 7.759   1.615   1.00 35.26 ? 16  DG  B P     1 
ATOM   308 O  OP1   . DG  B 1 4  ? -11.902 8.072   0.849   1.00 37.04 ? 16  DG  B OP1   1 
ATOM   309 O  OP2   . DG  B 1 4  ? -10.440 6.389   2.118   1.00 36.36 ? 16  DG  B OP2   1 
ATOM   310 O  "O5'" . DG  B 1 4  ? -9.427  8.133   0.710   1.00 26.00 ? 16  DG  B "O5'" 1 
ATOM   311 C  "C5'" . DG  B 1 4  ? -9.303  9.429   0.129   1.00 26.29 ? 16  DG  B "C5'" 1 
ATOM   312 C  "C4'" . DG  B 1 4  ? -7.954  9.560   -0.542  1.00 30.86 ? 16  DG  B "C4'" 1 
ATOM   313 O  "O4'" . DG  B 1 4  ? -6.894  9.321   0.427   1.00 23.92 ? 16  DG  B "O4'" 1 
ATOM   314 C  "C3'" . DG  B 1 4  ? -7.722  8.570   -1.685  1.00 25.39 ? 16  DG  B "C3'" 1 
ATOM   315 O  "O3'" . DG  B 1 4  ? -7.033  9.297   -2.696  1.00 30.53 ? 16  DG  B "O3'" 1 
ATOM   316 C  "C2'" . DG  B 1 4  ? -6.958  7.437   -1.018  1.00 26.50 ? 16  DG  B "C2'" 1 
ATOM   317 C  "C1'" . DG  B 1 4  ? -6.127  8.175   0.046   1.00 29.31 ? 16  DG  B "C1'" 1 
ATOM   318 N  N9    . DG  B 1 4  ? -5.837  7.391   1.249   1.00 24.24 ? 16  DG  B N9    1 
ATOM   319 C  C8    . DG  B 1 4  ? -6.673  6.514   1.892   1.00 20.92 ? 16  DG  B C8    1 
ATOM   320 N  N7    . DG  B 1 4  ? -6.113  5.907   2.905   1.00 23.01 ? 16  DG  B N7    1 
ATOM   321 C  C5    . DG  B 1 4  ? -4.825  6.432   2.948   1.00 21.84 ? 16  DG  B C5    1 
ATOM   322 C  C6    . DG  B 1 4  ? -3.720  6.131   3.813   1.00 18.74 ? 16  DG  B C6    1 
ATOM   323 O  O6    . DG  B 1 4  ? -3.684  5.351   4.774   1.00 21.62 ? 16  DG  B O6    1 
ATOM   324 N  N1    . DG  B 1 4  ? -2.578  6.868   3.467   1.00 20.03 ? 16  DG  B N1    1 
ATOM   325 C  C2    . DG  B 1 4  ? -2.512  7.782   2.442   1.00 21.00 ? 16  DG  B C2    1 
ATOM   326 N  N2    . DG  B 1 4  ? -1.300  8.422   2.263   1.00 21.09 ? 16  DG  B N2    1 
ATOM   327 N  N3    . DG  B 1 4  ? -3.543  8.078   1.648   1.00 21.18 ? 16  DG  B N3    1 
ATOM   328 C  C4    . DG  B 1 4  ? -4.648  7.366   1.950   1.00 23.74 ? 16  DG  B C4    1 
ATOM   329 P  P     . DA  B 1 5  ? -6.111  8.560   -3.794  1.00 35.09 ? 17  DA  B P     1 
ATOM   330 O  OP1   . DA  B 1 5  ? -6.004  9.516   -4.935  1.00 32.14 ? 17  DA  B OP1   1 
ATOM   331 O  OP2   . DA  B 1 5  ? -6.549  7.144   -4.047  1.00 35.93 ? 17  DA  B OP2   1 
ATOM   332 O  "O5'" . DA  B 1 5  ? -4.660  8.539   -3.139  1.00 28.57 ? 17  DA  B "O5'" 1 
ATOM   333 C  "C5'" . DA  B 1 5  ? -3.983  9.760   -2.853  1.00 23.11 ? 17  DA  B "C5'" 1 
ATOM   334 C  "C4'" . DA  B 1 5  ? -2.501  9.522   -2.681  1.00 26.12 ? 17  DA  B "C4'" 1 
ATOM   335 O  "O4'" . DA  B 1 5  ? -2.209  8.706   -1.528  1.00 25.43 ? 17  DA  B "O4'" 1 
ATOM   336 C  "C3'" . DA  B 1 5  ? -1.780  8.857   -3.852  1.00 23.24 ? 17  DA  B "C3'" 1 
ATOM   337 O  "O3'" . DA  B 1 5  ? -0.510  9.472   -3.957  1.00 30.53 ? 17  DA  B "O3'" 1 
ATOM   338 C  "C2'" . DA  B 1 5  ? -1.670  7.387   -3.424  1.00 31.23 ? 17  DA  B "C2'" 1 
ATOM   339 C  "C1'" . DA  B 1 5  ? -1.587  7.463   -1.898  1.00 23.86 ? 17  DA  B "C1'" 1 
ATOM   340 N  N9    . DA  B 1 5  ? -2.287  6.393   -1.159  1.00 24.06 ? 17  DA  B N9    1 
ATOM   341 C  C8    . DA  B 1 5  ? -3.571  5.940   -1.333  1.00 21.50 ? 17  DA  B C8    1 
ATOM   342 N  N7    . DA  B 1 5  ? -3.945  5.046   -0.439  1.00 21.82 ? 17  DA  B N7    1 
ATOM   343 C  C5    . DA  B 1 5  ? -2.825  4.862   0.353   1.00 21.76 ? 17  DA  B C5    1 
ATOM   344 C  C6    . DA  B 1 5  ? -2.572  4.010   1.476   1.00 18.46 ? 17  DA  B C6    1 
ATOM   345 N  N6    . DA  B 1 5  ? -3.499  3.183   2.034   1.00 19.21 ? 17  DA  B N6    1 
ATOM   346 N  N1    . DA  B 1 5  ? -1.349  4.053   2.027   1.00 22.19 ? 17  DA  B N1    1 
ATOM   347 C  C2    . DA  B 1 5  ? -0.431  4.907   1.509   1.00 19.61 ? 17  DA  B C2    1 
ATOM   348 N  N3    . DA  B 1 5  ? -0.550  5.760   0.470   1.00 23.76 ? 17  DA  B N3    1 
ATOM   349 C  C4    . DA  B 1 5  ? -1.789  5.683   -0.075  1.00 19.00 ? 17  DA  B C4    1 
ATOM   350 P  P     . DA  B 1 6  ? 0.562   8.906   -5.004  1.00 34.38 ? 18  DA  B P     1 
ATOM   351 O  OP1   . DA  B 1 6  ? 1.431   10.068  -5.335  1.00 37.36 ? 18  DA  B OP1   1 
ATOM   352 O  OP2   . DA  B 1 6  ? -0.127  8.136   -6.067  1.00 30.98 ? 18  DA  B OP2   1 
ATOM   353 O  "O5'" . DA  B 1 6  ? 1.389   7.840   -4.160  1.00 29.91 ? 18  DA  B "O5'" 1 
ATOM   354 C  "C5'" . DA  B 1 6  ? 2.180   8.256   -3.059  1.00 31.44 ? 18  DA  B "C5'" 1 
ATOM   355 C  "C4'" . DA  B 1 6  ? 2.925   7.065   -2.504  1.00 29.65 ? 18  DA  B "C4'" 1 
ATOM   356 O  "O4'" . DA  B 1 6  ? 1.965   6.199   -1.884  1.00 25.59 ? 18  DA  B "O4'" 1 
ATOM   357 C  "C3'" . DA  B 1 6  ? 3.694   6.214   -3.529  1.00 21.93 ? 18  DA  B "C3'" 1 
ATOM   358 O  "O3'" . DA  B 1 6  ? 5.065   6.301   -3.130  1.00 31.48 ? 18  DA  B "O3'" 1 
ATOM   359 C  "C2'" . DA  B 1 6  ? 3.059   4.822   -3.411  1.00 25.35 ? 18  DA  B "C2'" 1 
ATOM   360 C  "C1'" . DA  B 1 6  ? 2.343   4.856   -2.065  1.00 28.33 ? 18  DA  B "C1'" 1 
ATOM   361 N  N9    . DA  B 1 6  ? 1.115   4.063   -1.974  1.00 25.45 ? 18  DA  B N9    1 
ATOM   362 C  C8    . DA  B 1 6  ? 0.033   4.133   -2.812  1.00 23.33 ? 18  DA  B C8    1 
ATOM   363 N  N7    . DA  B 1 6  ? -0.943  3.324   -2.478  1.00 23.91 ? 18  DA  B N7    1 
ATOM   364 C  C5    . DA  B 1 6  ? -0.471  2.679   -1.332  1.00 21.55 ? 18  DA  B C5    1 
ATOM   365 C  C6    . DA  B 1 6  ? -1.046  1.708   -0.472  1.00 19.81 ? 18  DA  B C6    1 
ATOM   366 N  N6    . DA  B 1 6  ? -2.286  1.211   -0.617  1.00 21.06 ? 18  DA  B N6    1 
ATOM   367 N  N1    . DA  B 1 6  ? -0.298  1.270   0.571   1.00 22.20 ? 18  DA  B N1    1 
ATOM   368 C  C2    . DA  B 1 6  ? 0.917   1.782   0.734   1.00 20.09 ? 18  DA  B C2    1 
ATOM   369 N  N3    . DA  B 1 6  ? 1.554   2.701   0.009   1.00 21.92 ? 18  DA  B N3    1 
ATOM   370 C  C4    . DA  B 1 6  ? 0.798   3.115   -1.021  1.00 19.11 ? 18  DA  B C4    1 
HETATM 371 P  P     . ZDU B 1 7  ? 6.190   5.368   -3.822  1.00 35.75 ? 19  ZDU B P     1 
HETATM 372 O  OP1   . ZDU B 1 7  ? 7.471   6.109   -3.664  1.00 36.16 ? 19  ZDU B OP1   1 
HETATM 373 O  OP2   . ZDU B 1 7  ? 5.720   4.934   -5.145  1.00 31.46 ? 19  ZDU B OP2   1 
HETATM 374 O  "O5'" . ZDU B 1 7  ? 6.241   4.043   -2.938  1.00 29.63 ? 19  ZDU B "O5'" 1 
HETATM 375 N  N1    . ZDU B 1 7  ? 3.432   0.531   -1.813  1.00 26.52 ? 19  ZDU B N1    1 
HETATM 376 C  C6    . ZDU B 1 7  ? 3.049   1.109   -3.002  1.00 22.16 ? 19  ZDU B C6    1 
HETATM 377 C  C2    . ZDU B 1 7  ? 2.598   -0.378  -1.151  1.00 22.11 ? 19  ZDU B C2    1 
HETATM 378 O  O2    . ZDU B 1 7  ? 2.918   -0.954  -0.113  1.00 24.36 ? 19  ZDU B O2    1 
HETATM 379 N  N3    . ZDU B 1 7  ? 1.386   -0.604  -1.766  1.00 20.83 ? 19  ZDU B N3    1 
HETATM 380 C  C4    . ZDU B 1 7  ? 0.927   -0.023  -2.947  1.00 24.24 ? 19  ZDU B C4    1 
HETATM 381 O  O4    . ZDU B 1 7  ? -0.196  -0.289  -3.380  1.00 22.55 ? 19  ZDU B O4    1 
HETATM 382 C  C5    . ZDU B 1 7  ? 1.858   0.888   -3.587  1.00 27.74 ? 19  ZDU B C5    1 
HETATM 383 C  C5A   . ZDU B 1 7  ? 1.442   1.511   -4.908  1.00 23.41 ? 19  ZDU B C5A   1 
HETATM 384 C  C5B   . ZDU B 1 7  ? 1.394   0.427   -6.003  1.00 32.57 ? 19  ZDU B C5B   1 
HETATM 385 C  C5G   . ZDU B 1 7  ? 0.692   0.912   -7.245  1.00 33.21 ? 19  ZDU B C5G   1 
HETATM 386 N  N5D   . ZDU B 1 7  ? 0.116   -0.215  -8.053  1.00 48.20 ? 19  ZDU B N5D   1 
HETATM 387 C  "C2'" . ZDU B 1 7  ? 5.995   0.535   -1.892  1.00 25.64 ? 19  ZDU B "C2'" 1 
HETATM 388 C  "C5'" . ZDU B 1 7  ? 6.364   4.116   -1.527  1.00 27.16 ? 19  ZDU B "C5'" 1 
HETATM 389 C  "C4'" . ZDU B 1 7  ? 6.099   2.756   -0.922  1.00 30.45 ? 19  ZDU B "C4'" 1 
HETATM 390 O  "O4'" . ZDU B 1 7  ? 4.730   2.355   -1.147  1.00 27.62 ? 19  ZDU B "O4'" 1 
HETATM 391 C  "C1'" . ZDU B 1 7  ? 4.701   0.939   -1.175  1.00 26.43 ? 19  ZDU B "C1'" 1 
HETATM 392 C  "C3'" . ZDU B 1 7  ? 6.983   1.620   -1.467  1.00 26.86 ? 19  ZDU B "C3'" 1 
HETATM 393 O  "O3'" . ZDU B 1 7  ? 7.820   1.214   -0.384  1.00 31.73 ? 19  ZDU B "O3'" 1 
HETATM 394 P  P     . ZDU B 1 8  ? 8.879   0.012   -0.563  1.00 34.87 ? 20  ZDU B P     1 
HETATM 395 O  OP1   . ZDU B 1 8  ? 9.959   0.253   0.429   1.00 44.03 ? 20  ZDU B OP1   1 
HETATM 396 O  OP2   . ZDU B 1 8  ? 9.191   -0.068  -1.994  1.00 32.70 ? 20  ZDU B OP2   1 
HETATM 397 O  "O5'" . ZDU B 1 8  ? 8.100   -1.299  -0.140  1.00 29.21 ? 20  ZDU B "O5'" 1 
HETATM 398 N  N1    . ZDU B 1 8  ? 4.705   -3.727  -1.362  1.00 24.14 ? 20  ZDU B N1    1 
HETATM 399 C  C6    . ZDU B 1 8  ? 5.174   -2.960  -2.411  1.00 26.00 ? 20  ZDU B C6    1 
HETATM 400 C  C2    . ZDU B 1 8  ? 3.418   -4.254  -1.370  1.00 26.00 ? 20  ZDU B C2    1 
HETATM 401 O  O2    . ZDU B 1 8  ? 2.977   -5.007  -0.504  1.00 26.12 ? 20  ZDU B O2    1 
HETATM 402 N  N3    . ZDU B 1 8  ? 2.667   -3.895  -2.455  1.00 24.73 ? 20  ZDU B N3    1 
HETATM 403 C  C4    . ZDU B 1 8  ? 3.038   -3.094  -3.510  1.00 26.24 ? 20  ZDU B C4    1 
HETATM 404 O  O4    . ZDU B 1 8  ? 2.213   -2.837  -4.411  1.00 27.94 ? 20  ZDU B O4    1 
HETATM 405 C  C5    . ZDU B 1 8  ? 4.424   -2.617  -3.468  1.00 22.74 ? 20  ZDU B C5    1 
HETATM 406 C  C5A   . ZDU B 1 8  ? 4.947   -1.802  -4.618  1.00 26.54 ? 20  ZDU B C5A   1 
HETATM 407 C  C5B   . ZDU B 1 8  ? 5.250   -2.699  -5.824  1.00 26.06 ? 20  ZDU B C5B   1 
HETATM 408 C  C5G   . ZDU B 1 8  ? 5.850   -1.893  -6.952  1.00 31.51 ? 20  ZDU B C5G   1 
HETATM 409 N  N5D   . ZDU B 1 8  ? 6.100   -2.733  -8.163  1.00 34.37 ? 20  ZDU B N5D   1 
HETATM 410 C  "C2'" . ZDU B 1 8  ? 6.956   -4.500  -0.333  1.00 27.86 ? 20  ZDU B "C2'" 1 
HETATM 411 C  "C5'" . ZDU B 1 8  ? 7.594   -1.430  1.178   1.00 33.50 ? 20  ZDU B "C5'" 1 
HETATM 412 C  "C4'" . ZDU B 1 8  ? 6.862   -2.736  1.310   1.00 30.78 ? 20  ZDU B "C4'" 1 
HETATM 413 O  "O4'" . ZDU B 1 8  ? 5.744   -2.691  0.406   1.00 28.57 ? 20  ZDU B "O4'" 1 
HETATM 414 C  "C1'" . ZDU B 1 8  ? 5.542   -3.944  -0.158  1.00 28.40 ? 20  ZDU B "C1'" 1 
HETATM 415 C  "C3'" . ZDU B 1 8  ? 7.691   -3.949  0.889   1.00 32.09 ? 20  ZDU B "C3'" 1 
HETATM 416 O  "O3'" . ZDU B 1 8  ? 7.734   -4.864  1.995   1.00 36.63 ? 20  ZDU B "O3'" 1 
ATOM   417 P  P     . DC  B 1 9  ? 8.518   -6.256  1.843   1.00 41.07 ? 21  DC  B P     1 
ATOM   418 O  OP1   . DC  B 1 9  ? 9.217   -6.544  3.113   1.00 53.55 ? 21  DC  B OP1   1 
ATOM   419 O  OP2   . DC  B 1 9  ? 9.287   -6.191  0.577   1.00 39.09 ? 21  DC  B OP2   1 
ATOM   420 O  "O5'" . DC  B 1 9  ? 7.369   -7.349  1.658   1.00 32.58 ? 21  DC  B "O5'" 1 
ATOM   421 C  "C5'" . DC  B 1 9  ? 6.188   -7.312  2.450   1.00 38.50 ? 21  DC  B "C5'" 1 
ATOM   422 C  "C4'" . DC  B 1 9  ? 5.140   -8.206  1.835   1.00 35.99 ? 21  DC  B "C4'" 1 
ATOM   423 O  "O4'" . DC  B 1 9  ? 4.626   -7.585  0.638   1.00 30.09 ? 21  DC  B "O4'" 1 
ATOM   424 C  "C3'" . DC  B 1 9  ? 5.730   -9.554  1.408   1.00 35.78 ? 21  DC  B "C3'" 1 
ATOM   425 O  "O3'" . DC  B 1 9  ? 5.094   -10.570 2.176   1.00 35.93 ? 21  DC  B "O3'" 1 
ATOM   426 C  "C2'" . DC  B 1 9  ? 5.476   -9.652  -0.098  1.00 32.35 ? 21  DC  B "C2'" 1 
ATOM   427 C  "C1'" . DC  B 1 9  ? 4.384   -8.607  -0.315  1.00 24.82 ? 21  DC  B "C1'" 1 
ATOM   428 N  N1    . DC  B 1 9  ? 4.269   -7.962  -1.637  1.00 23.63 ? 21  DC  B N1    1 
ATOM   429 C  C2    . DC  B 1 9  ? 3.036   -8.040  -2.312  1.00 21.90 ? 21  DC  B C2    1 
ATOM   430 O  O2    . DC  B 1 9  ? 2.115   -8.697  -1.818  1.00 26.25 ? 21  DC  B O2    1 
ATOM   431 N  N3    . DC  B 1 9  ? 2.891   -7.384  -3.483  1.00 26.32 ? 21  DC  B N3    1 
ATOM   432 C  C4    . DC  B 1 9  ? 3.906   -6.679  -3.993  1.00 24.14 ? 21  DC  B C4    1 
ATOM   433 N  N4    . DC  B 1 9  ? 3.703   -6.033  -5.158  1.00 24.08 ? 21  DC  B N4    1 
ATOM   434 C  C5    . DC  B 1 9  ? 5.172   -6.596  -3.336  1.00 27.74 ? 21  DC  B C5    1 
ATOM   435 C  C6    . DC  B 1 9  ? 5.311   -7.254  -2.178  1.00 27.89 ? 21  DC  B C6    1 
ATOM   436 P  P     . DG  B 1 10 ? 5.779   -12.022 2.307   1.00 44.93 ? 22  DG  B P     1 
ATOM   437 O  OP1   . DG  B 1 10 ? 5.360   -12.602 3.601   1.00 50.01 ? 22  DG  B OP1   1 
ATOM   438 O  OP2   . DG  B 1 10 ? 7.206   -11.906 1.966   1.00 35.27 ? 22  DG  B OP2   1 
ATOM   439 O  "O5'" . DG  B 1 10 ? 5.088   -12.840 1.130   1.00 38.31 ? 22  DG  B "O5'" 1 
ATOM   440 C  "C5'" . DG  B 1 10 ? 3.692   -13.062 1.144   1.00 37.72 ? 22  DG  B "C5'" 1 
ATOM   441 C  "C4'" . DG  B 1 10 ? 3.266   -13.618 -0.192  1.00 47.16 ? 22  DG  B "C4'" 1 
ATOM   442 O  "O4'" . DG  B 1 10 ? 3.322   -12.571 -1.195  1.00 41.50 ? 22  DG  B "O4'" 1 
ATOM   443 C  "C3'" . DG  B 1 10 ? 4.165   -14.742 -0.719  1.00 35.91 ? 22  DG  B "C3'" 1 
ATOM   444 O  "O3'" . DG  B 1 10 ? 3.326   -15.636 -1.426  1.00 51.11 ? 22  DG  B "O3'" 1 
ATOM   445 C  "C2'" . DG  B 1 10 ? 5.031   -14.038 -1.748  1.00 42.84 ? 22  DG  B "C2'" 1 
ATOM   446 C  "C1'" . DG  B 1 10 ? 3.982   -13.107 -2.325  1.00 35.78 ? 22  DG  B "C1'" 1 
ATOM   447 N  N9    . DG  B 1 10 ? 4.443   -12.008 -3.156  1.00 27.34 ? 22  DG  B N9    1 
ATOM   448 C  C8    . DG  B 1 10 ? 5.661   -11.382 -3.136  1.00 28.37 ? 22  DG  B C8    1 
ATOM   449 N  N7    . DG  B 1 10 ? 5.768   -10.430 -4.021  1.00 34.66 ? 22  DG  B N7    1 
ATOM   450 C  C5    . DG  B 1 10 ? 4.535   -10.421 -4.670  1.00 27.45 ? 22  DG  B C5    1 
ATOM   451 C  C6    . DG  B 1 10 ? 4.074   -9.619  -5.747  1.00 21.65 ? 22  DG  B C6    1 
ATOM   452 O  O6    . DG  B 1 10 ? 4.676   -8.723  -6.344  1.00 24.53 ? 22  DG  B O6    1 
ATOM   453 N  N1    . DG  B 1 10 ? 2.768   -9.963  -6.125  1.00 22.53 ? 22  DG  B N1    1 
ATOM   454 C  C2    . DG  B 1 10 ? 2.007   -10.945 -5.535  1.00 18.60 ? 22  DG  B C2    1 
ATOM   455 N  N2    . DG  B 1 10 ? 0.796   -11.138 -6.012  1.00 24.84 ? 22  DG  B N2    1 
ATOM   456 N  N3    . DG  B 1 10 ? 2.431   -11.704 -4.514  1.00 26.58 ? 22  DG  B N3    1 
ATOM   457 C  C4    . DG  B 1 10 ? 3.703   -11.386 -4.150  1.00 29.15 ? 22  DG  B C4    1 
ATOM   458 P  P     . DC  B 1 11 ? 3.529   -17.216 -1.294  1.00 49.94 ? 23  DC  B P     1 
ATOM   459 O  OP1   . DC  B 1 11 ? 2.779   -17.673 -0.110  1.00 50.51 ? 23  DC  B OP1   1 
ATOM   460 O  OP2   . DC  B 1 11 ? 4.981   -17.501 -1.422  1.00 50.19 ? 23  DC  B OP2   1 
ATOM   461 O  "O5'" . DC  B 1 11 ? 2.793   -17.746 -2.602  1.00 46.11 ? 23  DC  B "O5'" 1 
ATOM   462 C  "C5'" . DC  B 1 11 ? 1.425   -17.428 -2.850  1.00 40.98 ? 23  DC  B "C5'" 1 
ATOM   463 C  "C4'" . DC  B 1 11 ? 1.218   -17.200 -4.326  1.00 47.53 ? 23  DC  B "C4'" 1 
ATOM   464 O  "O4'" . DC  B 1 11 ? 1.743   -15.905 -4.674  1.00 38.28 ? 23  DC  B "O4'" 1 
ATOM   465 C  "C3'" . DC  B 1 11 ? 1.990   -18.191 -5.197  1.00 43.85 ? 23  DC  B "C3'" 1 
ATOM   466 O  "O3'" . DC  B 1 11 ? 1.113   -19.209 -5.671  1.00 43.77 ? 23  DC  B "O3'" 1 
ATOM   467 C  "C2'" . DC  B 1 11 ? 2.495   -17.356 -6.355  1.00 40.32 ? 23  DC  B "C2'" 1 
ATOM   468 C  "C1'" . DC  B 1 11 ? 2.054   -15.937 -6.038  1.00 34.09 ? 23  DC  B "C1'" 1 
ATOM   469 N  N1    . DC  B 1 11 ? 3.094   -14.941 -6.283  1.00 28.57 ? 23  DC  B N1    1 
ATOM   470 C  C2    . DC  B 1 11 ? 2.876   -14.008 -7.280  1.00 26.07 ? 23  DC  B C2    1 
ATOM   471 O  O2    . DC  B 1 11 ? 1.792   -14.037 -7.897  1.00 28.54 ? 23  DC  B O2    1 
ATOM   472 N  N3    . DC  B 1 11 ? 3.832   -13.114 -7.561  1.00 27.22 ? 23  DC  B N3    1 
ATOM   473 C  C4    . DC  B 1 11 ? 4.971   -13.115 -6.885  1.00 25.94 ? 23  DC  B C4    1 
ATOM   474 N  N4    . DC  B 1 11 ? 5.885   -12.201 -7.216  1.00 27.04 ? 23  DC  B N4    1 
ATOM   475 C  C5    . DC  B 1 11 ? 5.220   -14.059 -5.833  1.00 26.60 ? 23  DC  B C5    1 
ATOM   476 C  C6    . DC  B 1 11 ? 4.257   -14.936 -5.571  1.00 24.11 ? 23  DC  B C6    1 
ATOM   477 P  P     . DG  B 1 12 ? 1.689   -20.379 -6.617  1.00 42.32 ? 24  DG  B P     1 
ATOM   478 O  OP1   . DG  B 1 12 ? 0.877   -21.592 -6.461  1.00 54.17 ? 24  DG  B OP1   1 
ATOM   479 O  OP2   . DG  B 1 12 ? 3.156   -20.424 -6.394  1.00 41.41 ? 24  DG  B OP2   1 
ATOM   480 O  "O5'" . DG  B 1 12 ? 1.467   -19.825 -8.092  1.00 32.31 ? 24  DG  B "O5'" 1 
ATOM   481 C  "C5'" . DG  B 1 12 ? 0.187   -19.374 -8.527  1.00 26.18 ? 24  DG  B "C5'" 1 
ATOM   482 C  "C4'" . DG  B 1 12 ? 0.346   -18.486 -9.740  1.00 23.87 ? 24  DG  B "C4'" 1 
ATOM   483 O  "O4'" . DG  B 1 12 ? 1.018   -17.258 -9.411  1.00 23.56 ? 24  DG  B "O4'" 1 
ATOM   484 C  "C3'" . DG  B 1 12 ? 1.228   -19.093 -10.820 1.00 22.22 ? 24  DG  B "C3'" 1 
ATOM   485 O  "O3'" . DG  B 1 12 ? 0.467   -20.021 -11.594 1.00 24.83 ? 24  DG  B "O3'" 1 
ATOM   486 C  "C2'" . DG  B 1 12 ? 1.622   -17.876 -11.642 1.00 20.65 ? 24  DG  B "C2'" 1 
ATOM   487 C  "C1'" . DG  B 1 12 ? 1.702   -16.776 -10.586 1.00 21.15 ? 24  DG  B "C1'" 1 
ATOM   488 N  N9    . DG  B 1 12 ? 3.070   -16.427 -10.207 1.00 26.54 ? 24  DG  B N9    1 
ATOM   489 C  C8    . DG  B 1 12 ? 3.869   -17.060 -9.297  1.00 26.65 ? 24  DG  B C8    1 
ATOM   490 N  N7    . DG  B 1 12 ? 5.018   -16.464 -9.124  1.00 24.40 ? 24  DG  B N7    1 
ATOM   491 C  C5    . DG  B 1 12 ? 4.982   -15.379 -9.987  1.00 22.74 ? 24  DG  B C5    1 
ATOM   492 C  C6    . DG  B 1 12 ? 5.945   -14.379 -10.235 1.00 25.48 ? 24  DG  B C6    1 
ATOM   493 O  O6    . DG  B 1 12 ? 7.067   -14.234 -9.692  1.00 26.07 ? 24  DG  B O6    1 
ATOM   494 N  N1    . DG  B 1 12 ? 5.514   -13.469 -11.221 1.00 21.21 ? 24  DG  B N1    1 
ATOM   495 C  C2    . DG  B 1 12 ? 4.308   -13.534 -11.872 1.00 22.70 ? 24  DG  B C2    1 
ATOM   496 N  N2    . DG  B 1 12 ? 4.074   -12.576 -12.804 1.00 22.73 ? 24  DG  B N2    1 
ATOM   497 N  N3    . DG  B 1 12 ? 3.387   -14.476 -11.632 1.00 18.40 ? 24  DG  B N3    1 
ATOM   498 C  C4    . DG  B 1 12 ? 3.795   -15.354 -10.687 1.00 22.02 ? 24  DG  B C4    1 
HETATM 499 N  N1    . SPM C 2 .  ? 2.219   15.314  9.538   1.00 45.72 ? 25  SPM A N1    1 
HETATM 500 C  C2    . SPM C 2 .  ? 3.221   15.881  10.512  1.00 58.28 ? 25  SPM A C2    1 
HETATM 501 C  C3    . SPM C 2 .  ? 3.478   14.987  11.699  1.00 57.25 ? 25  SPM A C3    1 
HETATM 502 C  C4    . SPM C 2 .  ? 2.463   15.262  12.809  1.00 67.64 ? 25  SPM A C4    1 
HETATM 503 N  N5    . SPM C 2 .  ? 2.574   14.183  13.870  1.00 72.14 ? 25  SPM A N5    1 
HETATM 504 C  C6    . SPM C 2 .  ? 1.378   14.112  14.781  1.00 74.30 ? 25  SPM A C6    1 
HETATM 505 C  C7    . SPM C 2 .  ? 1.543   12.920  15.700  1.00 74.60 ? 25  SPM A C7    1 
HETATM 506 C  C8    . SPM C 2 .  ? 1.276   13.334  17.166  1.00 69.92 ? 25  SPM A C8    1 
HETATM 507 TL TL    . TL  D 3 .  ? -1.438  22.380  2.549   0.22 63.29 ? 27  TL  A TL    1 
HETATM 508 TL TL    . TL  E 3 .  ? 0.130   11.202  2.431   0.16 39.42 ? 29  TL  A TL    1 
HETATM 509 TL TL    . TL  F 3 .  ? 3.895   -0.983  2.537   0.16 41.31 ? 30  TL  A TL    1 
HETATM 510 TL TL    . TL  G 3 .  ? -5.364  -10.876 4.319   0.15 80.61 ? 32  TL  A TL    1 
HETATM 511 TL TL    . TL  H 3 .  ? 1.126   2.503   9.689   0.15 79.89 ? 33  TL  A TL    1 
HETATM 512 N  N1    . SPM I 2 .  ? -9.749  5.171   7.148   1.00 44.38 ? 26  SPM B N1    1 
HETATM 513 C  C2    . SPM I 2 .  ? -9.397  4.260   6.012   1.00 62.01 ? 26  SPM B C2    1 
HETATM 514 C  C3    . SPM I 2 .  ? -8.797  4.967   4.826   1.00 56.64 ? 26  SPM B C3    1 
HETATM 515 C  C4    . SPM I 2 .  ? -8.463  3.973   3.726   1.00 58.83 ? 26  SPM B C4    1 
HETATM 516 N  N5    . SPM I 2 .  ? -7.060  3.430   3.914   1.00 57.83 ? 26  SPM B N5    1 
HETATM 517 C  C6    . SPM I 2 .  ? -6.780  2.215   3.061   1.00 59.27 ? 26  SPM B C6    1 
HETATM 518 TL TL    . TL  J 3 .  ? 1.965   9.645   14.708  0.20 99.63 ? 28  TL  B TL    1 
HETATM 519 TL TL    . TL  K 3 .  ? 1.905   -8.005  2.946   0.16 56.40 ? 31  TL  B TL    1 
HETATM 520 TL TL    . TL  L 3 .  ? -8.802  3.167   0.658   0.15 88.05 ? 34  TL  B TL    1 
HETATM 521 O  O     . HOH M 4 .  ? 1.745   7.309   0.886   1.00 24.14 ? 35  HOH A O     1 
HETATM 522 O  O     . HOH M 4 .  ? 4.379   6.102   0.732   1.00 24.30 ? 36  HOH A O     1 
HETATM 523 O  O     . HOH M 4 .  ? -4.211  23.057  2.739   1.00 26.56 ? 38  HOH A O     1 
HETATM 524 O  O     . HOH M 4 .  ? 2.260   -5.594  2.151   1.00 27.60 ? 39  HOH A O     1 
HETATM 525 O  O     . HOH M 4 .  ? 3.655   11.224  -1.180  1.00 33.16 ? 41  HOH A O     1 
HETATM 526 O  O     . HOH M 4 .  ? 2.329   12.682  9.076   1.00 34.79 ? 42  HOH A O     1 
HETATM 527 O  O     . HOH M 4 .  ? 4.157   -3.660  3.464   1.00 33.88 ? 44  HOH A O     1 
HETATM 528 O  O     . HOH M 4 .  ? 1.578   -3.640  -7.043  1.00 30.49 ? 45  HOH A O     1 
HETATM 529 O  O     . HOH M 4 .  ? 7.384   -8.881  -7.908  1.00 34.00 ? 47  HOH A O     1 
HETATM 530 O  O     . HOH M 4 .  ? 1.725   9.967   0.326   1.00 33.36 ? 48  HOH A O     1 
HETATM 531 O  O     . HOH M 4 .  ? 2.148   7.212   9.877   1.00 37.11 ? 49  HOH A O     1 
HETATM 532 O  O     . HOH M 4 .  ? -4.796  -1.326  -2.567  1.00 34.33 ? 50  HOH A O     1 
HETATM 533 O  O     . HOH M 4 .  ? 6.647   7.436   0.341   1.00 38.31 ? 56  HOH A O     1 
HETATM 534 O  O     . HOH M 4 .  ? -1.531  4.192   9.403   1.00 33.91 ? 58  HOH A O     1 
HETATM 535 O  O     . HOH M 4 .  ? -5.510  -2.393  10.820  1.00 36.18 ? 59  HOH A O     1 
HETATM 536 O  O     . HOH M 4 .  ? 6.607   -6.566  -10.063 1.00 39.40 ? 60  HOH A O     1 
HETATM 537 O  O     . HOH M 4 .  ? -3.030  -3.712  7.348   1.00 37.43 ? 64  HOH A O     1 
HETATM 538 O  O     . HOH M 4 .  ? -2.463  -11.048 -1.078  1.00 40.17 ? 68  HOH A O     1 
HETATM 539 O  O     . HOH M 4 .  ? -0.094  20.346  3.900   1.00 37.82 ? 71  HOH A O     1 
HETATM 540 O  O     . HOH M 4 .  ? -6.191  -5.032  5.973   1.00 41.37 ? 72  HOH A O     1 
HETATM 541 O  O     . HOH M 4 .  ? -3.433  19.630  -3.039  1.00 43.54 ? 74  HOH A O     1 
HETATM 542 O  O     . HOH M 4 .  ? -0.953  -3.735  -8.823  1.00 42.80 ? 75  HOH A O     1 
HETATM 543 O  O     . HOH M 4 .  ? -7.586  -5.264  -3.829  1.00 43.24 ? 76  HOH A O     1 
HETATM 544 O  O     . HOH M 4 .  ? -6.266  -4.890  2.982   1.00 44.34 ? 77  HOH A O     1 
HETATM 545 O  O     . HOH M 4 .  ? -5.756  -0.389  0.986   1.00 46.99 ? 78  HOH A O     1 
HETATM 546 O  O     . HOH M 4 .  ? -7.993  -12.302 -1.258  1.00 46.37 ? 79  HOH A O     1 
HETATM 547 O  O     . HOH M 4 .  ? 0.180   -10.736 6.277   1.00 47.13 ? 80  HOH A O     1 
HETATM 548 O  O     . HOH M 4 .  ? 1.822   11.188  11.079  1.00 46.30 ? 82  HOH A O     1 
HETATM 549 O  O     . HOH M 4 .  ? 1.213   19.346  1.784   1.00 45.84 ? 84  HOH A O     1 
HETATM 550 O  O     . HOH M 4 .  ? -4.092  -5.417  6.774   1.00 48.68 ? 86  HOH A O     1 
HETATM 551 O  O     . HOH M 4 .  ? -1.012  -8.711  -0.084  1.00 43.89 ? 87  HOH A O     1 
HETATM 552 O  O     . HOH M 4 .  ? -5.769  -2.980  -0.544  1.00 44.65 ? 89  HOH A O     1 
HETATM 553 O  O     . HOH M 4 .  ? 1.727   17.526  7.222   1.00 44.60 ? 90  HOH A O     1 
HETATM 554 O  O     . HOH M 4 .  ? 6.835   -0.845  9.703   1.00 50.60 ? 93  HOH A O     1 
HETATM 555 O  O     . HOH M 4 .  ? 12.138  -9.277  -15.274 1.00 48.90 ? 95  HOH A O     1 
HETATM 556 O  O     . HOH M 4 .  ? 7.470   -4.569  -11.116 1.00 51.13 ? 96  HOH A O     1 
HETATM 557 O  O     . HOH M 4 .  ? 9.081   1.450   6.294   1.00 58.72 ? 99  HOH A O     1 
HETATM 558 O  O     . HOH M 4 .  ? -9.394  -5.993  0.776   1.00 55.07 ? 100 HOH A O     1 
HETATM 559 O  O     . HOH M 4 .  ? 4.165   -7.852  5.924   1.00 51.14 ? 103 HOH A O     1 
HETATM 560 O  O     . HOH M 4 .  ? -6.118  -4.538  -8.186  1.00 56.16 ? 104 HOH A O     1 
HETATM 561 O  O     . HOH M 4 .  ? 1.953   -9.805  4.627   1.00 56.09 ? 106 HOH A O     1 
HETATM 562 O  O     . HOH M 4 .  ? -3.476  -4.637  -22.653 1.00 54.28 ? 111 HOH A O     1 
HETATM 563 O  O     . HOH M 4 .  ? 12.173  8.179   5.673   1.00 55.99 ? 112 HOH A O     1 
HETATM 564 O  O     . HOH M 4 .  ? -4.508  21.398  -0.814  1.00 55.62 ? 113 HOH A O     1 
HETATM 565 O  O     . HOH M 4 .  ? 1.794   -12.004 8.964   1.00 57.47 ? 114 HOH A O     1 
HETATM 566 O  O     . HOH M 4 .  ? 10.637  6.262   2.631   1.00 59.79 ? 117 HOH A O     1 
HETATM 567 O  O     . HOH M 4 .  ? 2.249   -1.366  13.658  1.00 61.08 ? 118 HOH A O     1 
HETATM 568 O  O     . HOH M 4 .  ? -13.130 -9.467  -3.432  1.00 58.29 ? 119 HOH A O     1 
HETATM 569 O  O     . HOH M 4 .  ? 9.510   -10.217 -7.074  1.00 61.94 ? 120 HOH A O     1 
HETATM 570 O  O     . HOH M 4 .  ? 5.594   -2.438  13.884  1.00 62.23 ? 121 HOH A O     1 
HETATM 571 O  O     . HOH M 4 .  ? 9.630   6.152   6.598   1.00 60.65 ? 122 HOH A O     1 
HETATM 572 O  O     . HOH M 4 .  ? -12.189 -8.742  1.976   1.00 62.96 ? 126 HOH A O     1 
HETATM 573 O  O     . HOH M 4 .  ? 7.961   13.787  2.307   1.00 63.40 ? 127 HOH A O     1 
HETATM 574 O  O     . HOH M 4 .  ? -6.484  -1.307  7.819   1.00 64.04 ? 128 HOH A O     1 
HETATM 575 O  O     . HOH M 4 .  ? 6.089   8.819   8.029   1.00 67.75 ? 132 HOH A O     1 
HETATM 576 O  O     . HOH M 4 .  ? -7.533  -9.351  -12.792 1.00 65.08 ? 134 HOH A O     1 
HETATM 577 O  O     . HOH M 4 .  ? -5.327  -13.095 -0.250  1.00 68.62 ? 137 HOH A O     1 
HETATM 578 O  O     . HOH M 4 .  ? 11.900  3.533   6.731   1.00 72.28 ? 139 HOH A O     1 
HETATM 579 O  O     . HOH M 4 .  ? -10.722 -12.604 0.219   1.00 73.30 ? 140 HOH A O     1 
HETATM 580 O  O     . HOH N 4 .  ? 3.703   3.528   1.587   1.00 24.38 ? 37  HOH B O     1 
HETATM 581 O  O     . HOH N 4 .  ? 5.340   1.374   2.661   1.00 29.03 ? 40  HOH B O     1 
HETATM 582 O  O     . HOH N 4 .  ? 0.343   5.073   -6.052  1.00 33.25 ? 43  HOH B O     1 
HETATM 583 O  O     . HOH N 4 .  ? 6.191   -5.850  -6.897  1.00 33.32 ? 46  HOH B O     1 
HETATM 584 O  O     . HOH N 4 .  ? 3.830   -4.077  -8.834  1.00 37.77 ? 51  HOH B O     1 
HETATM 585 O  O     . HOH N 4 .  ? -4.765  3.218   5.495   1.00 35.74 ? 52  HOH B O     1 
HETATM 586 O  O     . HOH N 4 .  ? -3.300  3.169   -3.968  1.00 35.22 ? 53  HOH B O     1 
HETATM 587 O  O     . HOH N 4 .  ? 8.161   1.548   3.134   1.00 40.41 ? 54  HOH B O     1 
HETATM 588 O  O     . HOH N 4 .  ? -1.788  -21.471 -10.904 1.00 35.17 ? 55  HOH B O     1 
HETATM 589 O  O     . HOH N 4 .  ? -6.314  3.659   -0.391  1.00 36.87 ? 57  HOH B O     1 
HETATM 590 O  O     . HOH N 4 .  ? 5.091   1.885   -5.574  1.00 36.26 ? 61  HOH B O     1 
HETATM 591 O  O     . HOH N 4 .  ? -2.681  -22.217 -8.319  1.00 37.67 ? 62  HOH B O     1 
HETATM 592 O  O     . HOH N 4 .  ? 7.715   0.967   -5.575  1.00 36.35 ? 63  HOH B O     1 
HETATM 593 O  O     . HOH N 4 .  ? -4.564  1.234   -2.595  1.00 36.55 ? 65  HOH B O     1 
HETATM 594 O  O     . HOH N 4 .  ? 6.170   -4.343  5.285   1.00 41.96 ? 66  HOH B O     1 
HETATM 595 O  O     . HOH N 4 .  ? 6.507   -17.907 -7.160  1.00 40.30 ? 67  HOH B O     1 
HETATM 596 O  O     . HOH N 4 .  ? -1.166  9.411   10.692  1.00 40.44 ? 69  HOH B O     1 
HETATM 597 O  O     . HOH N 4 .  ? 8.363   -4.105  -3.593  1.00 40.81 ? 70  HOH B O     1 
HETATM 598 O  O     . HOH N 4 .  ? -14.426 10.261  8.314   1.00 42.50 ? 73  HOH B O     1 
HETATM 599 O  O     . HOH N 4 .  ? 8.720   -7.932  -1.146  1.00 43.22 ? 81  HOH B O     1 
HETATM 600 O  O     . HOH N 4 .  ? -4.769  5.342   -5.190  1.00 44.75 ? 83  HOH B O     1 
HETATM 601 O  O     . HOH N 4 .  ? 0.277   -23.840 -6.651  1.00 43.24 ? 85  HOH B O     1 
HETATM 602 O  O     . HOH N 4 .  ? 0.596   -13.649 -3.509  1.00 50.22 ? 88  HOH B O     1 
HETATM 603 O  O     . HOH N 4 .  ? 8.150   0.831   -8.371  1.00 55.60 ? 91  HOH B O     1 
HETATM 604 O  O     . HOH N 4 .  ? 6.208   -16.985 -3.609  1.00 53.48 ? 92  HOH B O     1 
HETATM 605 O  O     . HOH N 4 .  ? -2.874  7.018   -7.125  1.00 48.67 ? 94  HOH B O     1 
HETATM 606 O  O     . HOH N 4 .  ? 0.669   -1.100  -10.489 1.00 50.59 ? 97  HOH B O     1 
HETATM 607 O  O     . HOH N 4 .  ? 4.144   7.677   -7.382  1.00 49.21 ? 98  HOH B O     1 
HETATM 608 O  O     . HOH N 4 .  ? 8.191   -5.813  5.030   1.00 51.95 ? 101 HOH B O     1 
HETATM 609 O  O     . HOH N 4 .  ? -5.417  1.917   -7.359  1.00 55.66 ? 102 HOH B O     1 
HETATM 610 O  O     . HOH N 4 .  ? -2.198  3.203   -11.511 1.00 56.29 ? 105 HOH B O     1 
HETATM 611 O  O     . HOH N 4 .  ? 4.728   -12.797 6.558   1.00 55.55 ? 107 HOH B O     1 
HETATM 612 O  O     . HOH N 4 .  ? -8.298  11.197  -5.171  1.00 52.65 ? 108 HOH B O     1 
HETATM 613 O  O     . HOH N 4 .  ? 9.975   -13.638 3.597   1.00 52.09 ? 109 HOH B O     1 
HETATM 614 O  O     . HOH N 4 .  ? 8.329   -1.330  -3.789  1.00 54.64 ? 110 HOH B O     1 
HETATM 615 O  O     . HOH N 4 .  ? 3.601   -0.004  -8.628  1.00 53.75 ? 115 HOH B O     1 
HETATM 616 O  O     . HOH N 4 .  ? -9.662  13.054  17.018  1.00 59.73 ? 116 HOH B O     1 
HETATM 617 O  O     . HOH N 4 .  ? -2.011  12.073  16.474  1.00 60.74 ? 123 HOH B O     1 
HETATM 618 O  O     . HOH N 4 .  ? -12.148 4.968   -1.602  1.00 57.90 ? 124 HOH B O     1 
HETATM 619 O  O     . HOH N 4 .  ? 5.415   9.055   -5.623  1.00 62.30 ? 125 HOH B O     1 
HETATM 620 O  O     . HOH N 4 .  ? 7.807   -20.162 -3.131  1.00 67.34 ? 129 HOH B O     1 
HETATM 621 O  O     . HOH N 4 .  ? -10.409 7.625   19.281  1.00 65.80 ? 130 HOH B O     1 
HETATM 622 O  O     . HOH N 4 .  ? -10.631 6.086   -3.948  1.00 65.37 ? 131 HOH B O     1 
HETATM 623 O  O     . HOH N 4 .  ? 2.664   -19.516 2.592   1.00 64.42 ? 133 HOH B O     1 
HETATM 624 O  O     . HOH N 4 .  ? -11.505 10.853  14.862  1.00 67.79 ? 135 HOH B O     1 
HETATM 625 O  O     . HOH N 4 .  ? 13.225  -6.431  2.941   1.00 70.94 ? 136 HOH B O     1 
HETATM 626 O  O     . HOH N 4 .  ? 6.382   -10.878 6.183   1.00 71.05 ? 138 HOH B O     1 
# 
